data_5RB4
#
_entry.id   5RB4
#
_cell.length_a   57.870
_cell.length_b   93.660
_cell.length_c   93.692
_cell.angle_alpha   90.000
_cell.angle_beta   107.880
_cell.angle_gamma   90.000
#
_symmetry.space_group_name_H-M   'P 1 21 1'
#
loop_
_entity.id
_entity.type
_entity.pdbx_description
1 polymer 'Lysine-specific demethylase 3B'
2 non-polymer 2-[4-(3-chlorophenyl)piperazin-1-ium-1-yl]ethanenitrile
3 non-polymer 'CHLORIDE ION'
4 non-polymer 'MANGANESE (II) ION'
5 water water
#
_entity_poly.entity_id   1
_entity_poly.type   'polypeptide(L)'
_entity_poly.pdbx_seq_one_letter_code
;MHHHHHHSSGVDLGTENLYFQSMTSHSWLCDGRLLCLHDPSNKNNWKIFRECWKQGQPVLVSGVHKKLKSELWKPEAFSQ
EFGDQDVDLVNCRNCAIISDVKVRDFWDGFEIICKRLRSEDGQPMVLKLKDWPPGEDFRDMMPTRFEDLMENLPLPEYTK
RDGRLNLASRLPSYFVRPDLGPKMYNAYGLITAEDRRVGTTNLHLDVSDAVNVMVYVGIPIGEGAHDEEVLKTIDEGDAD
EVTKERIHDHKEKPGALWHIYAAKDAEKIRELLRKVGEEQGQENPPDHDPIHDQSWYLDQTLRKRLYEEYGVQGWAIVQF
LGDAVFIPAGAPHQVHNLYSCIKVAEDFVSPEHVKHCFRLTQEFRHLSNTHT
;
_entity_poly.pdbx_strand_id   A,B
#
loop_
_chem_comp.id
_chem_comp.type
_chem_comp.name
_chem_comp.formula
A6Z non-polymer 2-[4-(3-chlorophenyl)piperazin-1-ium-1-yl]ethanenitrile 'C12 H15 Cl N3 1'
CL non-polymer 'CHLORIDE ION' 'Cl -1'
MN non-polymer 'MANGANESE (II) ION' 'Mn 2'
#
# COMPACT_ATOMS: atom_id res chain seq x y z
N SER A 22 -46.29 -9.06 20.29
CA SER A 22 -45.99 -7.75 20.95
C SER A 22 -44.62 -7.21 20.50
N MET A 23 -44.53 -5.90 20.31
N MET A 23 -44.48 -5.91 20.30
CA MET A 23 -43.25 -5.17 20.13
CA MET A 23 -43.19 -5.24 19.95
C MET A 23 -42.35 -5.47 21.33
C MET A 23 -42.29 -5.21 21.19
N THR A 24 -41.08 -5.75 21.06
CA THR A 24 -40.08 -5.98 22.12
C THR A 24 -38.78 -5.27 21.71
N SER A 25 -37.95 -4.99 22.68
CA SER A 25 -36.68 -4.24 22.46
C SER A 25 -35.72 -5.11 21.62
N HIS A 26 -35.68 -6.42 21.81
CA HIS A 26 -34.67 -7.34 21.22
C HIS A 26 -35.08 -8.80 21.31
N SER A 27 -34.30 -9.65 20.67
CA SER A 27 -34.40 -11.13 20.70
C SER A 27 -33.02 -11.70 20.39
N TRP A 28 -32.94 -13.02 20.28
CA TRP A 28 -31.66 -13.72 20.08
C TRP A 28 -31.75 -14.58 18.80
N LEU A 29 -30.63 -14.67 18.11
CA LEU A 29 -30.44 -15.66 17.04
C LEU A 29 -29.18 -16.45 17.37
N CYS A 30 -28.80 -17.39 16.48
CA CYS A 30 -27.59 -18.24 16.68
C CYS A 30 -27.62 -18.91 18.06
N ASP A 31 -28.80 -19.42 18.46
CA ASP A 31 -29.02 -20.15 19.75
C ASP A 31 -28.62 -19.30 20.98
N GLY A 32 -28.89 -18.00 20.97
CA GLY A 32 -28.50 -17.07 22.05
C GLY A 32 -27.18 -16.36 21.89
N ARG A 33 -26.40 -16.71 20.84
CA ARG A 33 -25.03 -16.15 20.65
C ARG A 33 -25.03 -14.82 19.84
N LEU A 34 -26.17 -14.43 19.27
CA LEU A 34 -26.27 -13.18 18.42
C LEU A 34 -27.43 -12.30 18.96
N LEU A 35 -27.13 -11.09 19.43
CA LEU A 35 -28.14 -10.05 19.75
C LEU A 35 -28.82 -9.56 18.46
N CYS A 36 -30.15 -9.50 18.46
N CYS A 36 -30.15 -9.45 18.51
CA CYS A 36 -30.99 -8.85 17.42
CA CYS A 36 -31.00 -8.84 17.44
C CYS A 36 -31.82 -7.72 18.04
C CYS A 36 -31.83 -7.70 18.04
N LEU A 37 -31.41 -6.46 17.79
CA LEU A 37 -32.15 -5.26 18.22
C LEU A 37 -33.32 -5.00 17.25
N HIS A 38 -34.51 -4.62 17.75
CA HIS A 38 -35.71 -4.50 16.88
C HIS A 38 -36.05 -3.07 16.43
N ASP A 39 -35.65 -2.06 17.16
CA ASP A 39 -35.97 -0.64 16.90
C ASP A 39 -34.70 0.11 16.60
N PRO A 40 -34.40 0.43 15.31
CA PRO A 40 -33.12 1.04 14.95
C PRO A 40 -32.86 2.41 15.59
N SER A 41 -33.87 3.14 16.05
CA SER A 41 -33.71 4.50 16.59
C SER A 41 -34.01 4.54 18.09
N ASN A 42 -34.07 3.39 18.77
CA ASN A 42 -34.29 3.37 20.24
C ASN A 42 -33.06 3.98 20.93
N LYS A 43 -33.27 5.08 21.69
CA LYS A 43 -32.17 5.81 22.38
C LYS A 43 -31.52 4.97 23.48
N ASN A 44 -32.12 3.85 23.91
CA ASN A 44 -31.56 2.93 24.95
C ASN A 44 -30.83 1.69 24.36
N ASN A 45 -30.70 1.55 23.04
CA ASN A 45 -30.04 0.39 22.39
C ASN A 45 -28.61 0.18 22.94
N TRP A 46 -27.87 1.26 23.21
CA TRP A 46 -26.46 1.15 23.67
C TRP A 46 -26.33 0.27 24.94
N LYS A 47 -27.34 0.29 25.82
CA LYS A 47 -27.28 -0.44 27.10
C LYS A 47 -27.19 -1.96 26.88
N ILE A 48 -27.90 -2.48 25.88
CA ILE A 48 -27.97 -3.91 25.47
C ILE A 48 -26.75 -4.25 24.56
N PHE A 49 -26.44 -3.35 23.65
CA PHE A 49 -25.37 -3.50 22.62
C PHE A 49 -23.99 -3.64 23.24
N ARG A 50 -23.70 -2.75 24.21
N ARG A 50 -23.65 -2.76 24.18
CA ARG A 50 -22.32 -2.49 24.71
CA ARG A 50 -22.23 -2.57 24.56
C ARG A 50 -21.72 -3.76 25.29
C ARG A 50 -21.70 -3.83 25.26
N GLU A 51 -22.52 -4.56 26.01
CA GLU A 51 -22.04 -5.82 26.65
C GLU A 51 -21.62 -6.86 25.61
N CYS A 52 -22.48 -7.06 24.58
CA CYS A 52 -22.20 -8.05 23.52
C CYS A 52 -20.97 -7.60 22.71
N TRP A 53 -20.94 -6.34 22.40
CA TRP A 53 -19.84 -5.77 21.56
C TRP A 53 -18.48 -5.87 22.24
N LYS A 54 -18.45 -5.64 23.56
CA LYS A 54 -17.17 -5.72 24.32
C LYS A 54 -16.62 -7.14 24.25
N GLN A 55 -17.46 -8.17 24.14
CA GLN A 55 -17.09 -9.61 24.05
C GLN A 55 -16.63 -9.99 22.65
N GLY A 56 -16.68 -9.10 21.68
CA GLY A 56 -16.16 -9.39 20.32
C GLY A 56 -17.22 -10.02 19.44
N GLN A 57 -18.50 -10.00 19.86
CA GLN A 57 -19.59 -10.56 19.02
C GLN A 57 -20.08 -9.61 17.94
N PRO A 58 -20.51 -10.15 16.77
CA PRO A 58 -21.33 -9.37 15.85
C PRO A 58 -22.70 -9.11 16.48
N VAL A 59 -23.44 -8.11 15.93
CA VAL A 59 -24.80 -7.70 16.35
C VAL A 59 -25.63 -7.46 15.09
N LEU A 60 -26.92 -7.77 15.14
CA LEU A 60 -27.87 -7.51 14.04
C LEU A 60 -28.89 -6.46 14.53
N VAL A 61 -29.23 -5.47 13.69
CA VAL A 61 -30.35 -4.53 13.99
C VAL A 61 -31.35 -4.57 12.84
N SER A 62 -32.60 -4.96 13.10
CA SER A 62 -33.63 -5.05 12.03
C SER A 62 -34.40 -3.71 11.89
N GLY A 63 -35.04 -3.51 10.70
CA GLY A 63 -36.02 -2.43 10.49
C GLY A 63 -35.49 -1.15 9.90
N VAL A 64 -34.22 -1.05 9.47
CA VAL A 64 -33.63 0.22 8.99
C VAL A 64 -34.35 0.66 7.69
N HIS A 65 -34.83 -0.27 6.87
CA HIS A 65 -35.52 0.06 5.58
C HIS A 65 -36.76 0.93 5.87
N LYS A 66 -37.43 0.72 7.00
CA LYS A 66 -38.64 1.51 7.36
C LYS A 66 -38.26 2.98 7.67
N LYS A 67 -36.98 3.28 7.91
CA LYS A 67 -36.52 4.64 8.23
C LYS A 67 -36.08 5.40 6.97
N LEU A 68 -35.89 4.72 5.83
CA LEU A 68 -35.23 5.31 4.64
C LEU A 68 -36.31 5.76 3.62
N LYS A 69 -35.91 6.59 2.67
CA LYS A 69 -36.75 6.95 1.48
C LYS A 69 -36.57 5.88 0.39
N SER A 70 -37.52 4.94 0.28
CA SER A 70 -37.44 3.72 -0.56
C SER A 70 -37.16 4.09 -2.03
N GLU A 71 -37.66 5.22 -2.50
CA GLU A 71 -37.46 5.63 -3.93
C GLU A 71 -35.98 5.95 -4.23
N LEU A 72 -35.13 6.27 -3.24
CA LEU A 72 -33.69 6.58 -3.45
C LEU A 72 -32.86 5.28 -3.63
N TRP A 73 -33.38 4.10 -3.33
CA TRP A 73 -32.55 2.87 -3.24
C TRP A 73 -33.00 1.84 -4.29
N LYS A 74 -33.64 2.26 -5.38
CA LYS A 74 -34.09 1.33 -6.46
C LYS A 74 -33.05 1.22 -7.57
N PRO A 75 -32.87 0.00 -8.11
CA PRO A 75 -31.96 -0.25 -9.24
C PRO A 75 -32.26 0.60 -10.49
N GLU A 76 -33.54 0.81 -10.80
CA GLU A 76 -33.93 1.61 -12.01
C GLU A 76 -33.49 3.06 -11.84
N ALA A 77 -33.52 3.64 -10.62
CA ALA A 77 -33.06 5.03 -10.40
C ALA A 77 -31.54 5.13 -10.57
N PHE A 78 -30.76 4.15 -10.08
CA PHE A 78 -29.28 4.20 -10.24
C PHE A 78 -28.98 4.14 -11.76
N SER A 79 -29.70 3.31 -12.50
CA SER A 79 -29.43 3.19 -13.96
C SER A 79 -29.76 4.50 -14.71
N GLN A 80 -30.90 5.11 -14.40
CA GLN A 80 -31.37 6.38 -15.04
C GLN A 80 -30.37 7.51 -14.75
N GLU A 81 -29.94 7.68 -13.49
CA GLU A 81 -29.08 8.82 -13.05
C GLU A 81 -27.61 8.64 -13.40
N PHE A 82 -27.06 7.42 -13.38
CA PHE A 82 -25.61 7.20 -13.42
C PHE A 82 -25.22 6.23 -14.55
N GLY A 83 -26.16 5.80 -15.40
CA GLY A 83 -25.97 4.67 -16.36
C GLY A 83 -24.84 4.83 -17.37
N ASP A 84 -24.46 6.09 -17.69
CA ASP A 84 -23.38 6.38 -18.70
C ASP A 84 -21.96 6.36 -18.10
N GLN A 85 -21.79 6.12 -16.79
CA GLN A 85 -20.44 5.94 -16.22
C GLN A 85 -19.76 4.63 -16.61
N ASP A 86 -18.45 4.69 -16.82
CA ASP A 86 -17.59 3.52 -17.16
C ASP A 86 -17.14 2.80 -15.87
N VAL A 87 -17.22 1.46 -15.87
CA VAL A 87 -16.95 0.63 -14.66
C VAL A 87 -16.39 -0.71 -15.09
N ASP A 88 -15.85 -1.46 -14.13
CA ASP A 88 -15.47 -2.87 -14.30
C ASP A 88 -16.42 -3.75 -13.46
N LEU A 89 -16.77 -4.93 -13.95
CA LEU A 89 -17.58 -5.94 -13.25
C LEU A 89 -16.69 -7.13 -12.95
N VAL A 90 -17.08 -7.95 -11.98
CA VAL A 90 -16.52 -9.29 -11.72
C VAL A 90 -17.55 -10.42 -11.97
N ASN A 91 -17.11 -11.45 -12.70
CA ASN A 91 -17.88 -12.71 -12.87
C ASN A 91 -17.70 -13.53 -11.59
N CYS A 92 -18.72 -13.59 -10.71
CA CYS A 92 -18.57 -14.25 -9.38
C CYS A 92 -18.17 -15.73 -9.51
N ARG A 93 -18.54 -16.43 -10.59
CA ARG A 93 -18.32 -17.90 -10.75
C ARG A 93 -16.84 -18.24 -10.95
N ASN A 94 -16.08 -17.42 -11.68
CA ASN A 94 -14.67 -17.74 -12.07
C ASN A 94 -13.71 -16.57 -11.79
N CYS A 95 -14.13 -15.49 -11.12
CA CYS A 95 -13.35 -14.25 -10.81
C CYS A 95 -12.81 -13.50 -12.06
N ALA A 96 -13.27 -13.78 -13.27
CA ALA A 96 -12.90 -13.00 -14.49
C ALA A 96 -13.38 -11.55 -14.36
N ILE A 97 -12.57 -10.60 -14.83
CA ILE A 97 -12.91 -9.15 -14.84
C ILE A 97 -13.51 -8.78 -16.21
N ILE A 98 -14.69 -8.15 -16.19
CA ILE A 98 -15.29 -7.57 -17.42
C ILE A 98 -14.91 -6.08 -17.39
N SER A 99 -14.00 -5.67 -18.26
CA SER A 99 -13.39 -4.30 -18.21
C SER A 99 -14.16 -3.26 -19.01
N ASP A 100 -14.28 -2.08 -18.44
CA ASP A 100 -14.63 -0.81 -19.12
C ASP A 100 -15.97 -0.95 -19.85
N VAL A 101 -17.02 -1.38 -19.13
CA VAL A 101 -18.42 -1.40 -19.65
C VAL A 101 -19.20 -0.25 -18.97
N LYS A 102 -20.43 0.02 -19.39
CA LYS A 102 -21.30 1.08 -18.82
C LYS A 102 -22.01 0.52 -17.59
N VAL A 103 -22.20 1.35 -16.58
CA VAL A 103 -22.87 0.84 -15.35
C VAL A 103 -24.32 0.43 -15.64
N ARG A 104 -25.00 1.00 -16.65
CA ARG A 104 -26.36 0.48 -17.02
C ARG A 104 -26.31 -1.00 -17.44
N ASP A 105 -25.20 -1.51 -17.97
CA ASP A 105 -25.11 -2.94 -18.45
C ASP A 105 -25.25 -3.85 -17.22
N PHE A 106 -24.84 -3.37 -16.04
CA PHE A 106 -25.05 -4.08 -14.76
C PHE A 106 -26.49 -3.85 -14.26
N TRP A 107 -26.89 -2.57 -14.06
CA TRP A 107 -28.20 -2.27 -13.42
C TRP A 107 -29.39 -2.86 -14.20
N ASP A 108 -29.38 -2.80 -15.52
CA ASP A 108 -30.56 -3.24 -16.32
C ASP A 108 -30.81 -4.77 -16.23
N GLY A 109 -29.81 -5.60 -15.86
CA GLY A 109 -29.98 -7.03 -15.64
C GLY A 109 -30.14 -7.39 -14.14
N PHE A 110 -30.32 -6.43 -13.26
CA PHE A 110 -30.27 -6.69 -11.76
C PHE A 110 -31.39 -7.65 -11.36
N GLU A 111 -32.60 -7.45 -11.91
CA GLU A 111 -33.79 -8.29 -11.61
C GLU A 111 -34.29 -9.05 -12.84
N ILE A 112 -34.06 -8.53 -14.03
CA ILE A 112 -34.60 -9.14 -15.27
C ILE A 112 -33.54 -10.02 -15.91
N ILE A 113 -33.63 -11.33 -15.78
CA ILE A 113 -32.56 -12.27 -16.14
C ILE A 113 -32.32 -12.21 -17.66
N CYS A 114 -33.37 -12.02 -18.51
CA CYS A 114 -33.28 -11.94 -20.02
C CYS A 114 -32.47 -10.69 -20.44
N LYS A 115 -31.95 -9.84 -19.53
CA LYS A 115 -31.18 -8.63 -19.94
C LYS A 115 -29.73 -8.80 -19.46
N ARG A 116 -29.37 -9.89 -18.76
CA ARG A 116 -27.98 -10.06 -18.25
C ARG A 116 -26.97 -10.39 -19.35
N LEU A 117 -25.75 -9.88 -19.19
CA LEU A 117 -24.57 -10.29 -19.98
C LEU A 117 -24.42 -11.82 -19.85
N ARG A 118 -24.10 -12.47 -20.97
CA ARG A 118 -24.04 -13.97 -21.06
C ARG A 118 -22.58 -14.41 -21.16
N SER A 119 -22.24 -15.52 -20.50
CA SER A 119 -20.92 -16.16 -20.66
C SER A 119 -20.96 -16.92 -22.02
N GLU A 120 -19.80 -17.44 -22.39
CA GLU A 120 -19.57 -18.23 -23.65
C GLU A 120 -20.55 -19.42 -23.71
N ASP A 121 -20.76 -20.09 -22.58
CA ASP A 121 -21.67 -21.25 -22.43
C ASP A 121 -23.10 -20.81 -22.72
N GLY A 122 -23.34 -19.51 -22.89
CA GLY A 122 -24.67 -18.92 -23.17
C GLY A 122 -25.57 -18.76 -21.96
N GLN A 123 -25.05 -18.90 -20.73
CA GLN A 123 -25.88 -18.71 -19.50
C GLN A 123 -25.80 -17.25 -19.07
N PRO A 124 -26.81 -16.72 -18.36
CA PRO A 124 -26.67 -15.39 -17.81
C PRO A 124 -25.63 -15.44 -16.67
N MET A 125 -24.73 -14.46 -16.62
CA MET A 125 -23.68 -14.36 -15.57
C MET A 125 -24.23 -13.86 -14.24
N VAL A 126 -23.54 -14.30 -13.17
CA VAL A 126 -23.72 -13.72 -11.81
C VAL A 126 -22.62 -12.71 -11.60
N LEU A 127 -22.98 -11.40 -11.62
CA LEU A 127 -21.99 -10.29 -11.69
C LEU A 127 -21.97 -9.50 -10.39
N LYS A 128 -20.81 -8.99 -10.03
CA LYS A 128 -20.59 -7.99 -8.96
C LYS A 128 -20.09 -6.69 -9.61
N LEU A 129 -20.63 -5.55 -9.22
CA LEU A 129 -20.19 -4.22 -9.66
C LEU A 129 -19.01 -3.82 -8.78
N LYS A 130 -17.85 -3.64 -9.38
CA LYS A 130 -16.61 -3.39 -8.58
C LYS A 130 -16.47 -1.89 -8.31
N ASP A 131 -16.15 -1.52 -7.05
CA ASP A 131 -15.64 -0.16 -6.66
C ASP A 131 -16.52 0.95 -7.27
N TRP A 132 -17.79 1.00 -6.89
CA TRP A 132 -18.79 1.98 -7.41
C TRP A 132 -19.78 2.32 -6.32
N PRO A 133 -19.99 3.62 -6.02
CA PRO A 133 -19.13 4.72 -6.48
C PRO A 133 -17.65 4.53 -6.13
N PRO A 134 -16.71 5.05 -6.93
CA PRO A 134 -15.29 4.78 -6.73
C PRO A 134 -14.65 5.52 -5.52
N GLY A 135 -13.72 4.83 -4.88
CA GLY A 135 -12.95 5.32 -3.71
C GLY A 135 -13.88 5.95 -2.69
N GLU A 136 -13.65 7.22 -2.37
CA GLU A 136 -14.37 8.02 -1.33
C GLU A 136 -15.42 8.90 -1.98
N ASP A 137 -15.83 8.64 -3.22
CA ASP A 137 -16.71 9.56 -4.00
C ASP A 137 -18.22 9.43 -3.69
N PHE A 138 -18.71 8.52 -2.80
CA PHE A 138 -20.18 8.36 -2.58
C PHE A 138 -20.86 9.69 -2.28
N ARG A 139 -20.35 10.44 -1.30
CA ARG A 139 -20.96 11.70 -0.80
C ARG A 139 -21.08 12.76 -1.91
N ASP A 140 -20.03 12.96 -2.69
CA ASP A 140 -20.00 13.94 -3.83
C ASP A 140 -20.99 13.49 -4.92
N MET A 141 -21.00 12.20 -5.26
CA MET A 141 -21.84 11.67 -6.38
C MET A 141 -23.31 11.60 -5.98
N MET A 142 -23.63 11.24 -4.71
CA MET A 142 -25.01 10.96 -4.26
C MET A 142 -25.31 11.66 -2.93
N PRO A 143 -25.31 13.01 -2.87
CA PRO A 143 -25.50 13.72 -1.58
C PRO A 143 -26.81 13.40 -0.88
N THR A 144 -27.90 13.19 -1.61
CA THR A 144 -29.22 12.91 -1.03
C THR A 144 -29.22 11.48 -0.42
N ARG A 145 -28.64 10.49 -1.12
CA ARG A 145 -28.47 9.09 -0.59
C ARG A 145 -27.61 9.16 0.68
N PHE A 146 -26.51 9.91 0.64
CA PHE A 146 -25.55 10.05 1.76
C PHE A 146 -26.31 10.55 3.01
N GLU A 147 -27.09 11.62 2.88
CA GLU A 147 -27.89 12.19 4.00
C GLU A 147 -28.90 11.16 4.53
N ASP A 148 -29.63 10.45 3.65
CA ASP A 148 -30.71 9.52 4.06
C ASP A 148 -30.11 8.35 4.88
N LEU A 149 -28.96 7.87 4.45
CA LEU A 149 -28.29 6.74 5.17
C LEU A 149 -27.74 7.27 6.49
N MET A 150 -26.87 8.29 6.45
CA MET A 150 -26.11 8.68 7.66
C MET A 150 -27.05 9.10 8.79
N GLU A 151 -28.20 9.72 8.51
CA GLU A 151 -29.18 10.21 9.51
C GLU A 151 -29.99 9.05 10.12
N ASN A 152 -29.93 7.86 9.53
CA ASN A 152 -30.77 6.70 9.95
C ASN A 152 -29.91 5.49 10.39
N LEU A 153 -28.60 5.61 10.44
CA LEU A 153 -27.74 4.48 10.94
C LEU A 153 -28.07 4.22 12.42
N PRO A 154 -28.21 2.96 12.83
CA PRO A 154 -28.37 2.63 14.26
C PRO A 154 -27.08 2.84 15.07
N LEU A 155 -27.20 2.91 16.41
CA LEU A 155 -26.07 3.13 17.34
C LEU A 155 -25.24 4.34 16.91
N PRO A 156 -25.89 5.52 16.73
CA PRO A 156 -25.23 6.68 16.11
C PRO A 156 -24.02 7.22 16.89
N GLU A 157 -23.90 7.01 18.21
CA GLU A 157 -22.70 7.49 18.95
C GLU A 157 -21.46 6.70 18.48
N TYR A 158 -21.61 5.44 18.07
CA TYR A 158 -20.56 4.61 17.44
C TYR A 158 -20.41 4.90 15.93
N THR A 159 -21.49 5.01 15.17
CA THR A 159 -21.44 4.87 13.70
C THR A 159 -21.36 6.21 12.92
N LYS A 160 -21.79 7.34 13.47
CA LYS A 160 -21.69 8.66 12.76
C LYS A 160 -20.24 9.16 12.77
N ARG A 161 -19.86 9.91 11.73
CA ARG A 161 -18.44 10.30 11.47
C ARG A 161 -17.86 11.00 12.71
N ASP A 162 -18.69 11.76 13.41
CA ASP A 162 -18.32 12.56 14.60
C ASP A 162 -19.03 12.04 15.86
N GLY A 163 -19.57 10.82 15.88
CA GLY A 163 -20.13 10.27 17.13
C GLY A 163 -19.11 10.27 18.24
N ARG A 164 -19.59 10.41 19.48
CA ARG A 164 -18.72 10.48 20.69
C ARG A 164 -17.93 9.19 20.89
N LEU A 165 -18.44 8.00 20.48
CA LEU A 165 -17.72 6.72 20.66
C LEU A 165 -17.09 6.23 19.34
N ASN A 166 -16.92 7.13 18.35
CA ASN A 166 -16.19 6.80 17.13
C ASN A 166 -14.84 7.54 17.21
N LEU A 167 -13.76 6.81 17.37
CA LEU A 167 -12.42 7.43 17.52
C LEU A 167 -11.80 7.75 16.13
N ALA A 168 -12.48 7.45 15.02
CA ALA A 168 -11.86 7.57 13.67
C ALA A 168 -11.20 8.93 13.47
N SER A 169 -11.85 10.03 13.87
CA SER A 169 -11.37 11.42 13.62
C SER A 169 -10.40 11.89 14.70
N ARG A 170 -10.12 11.07 15.70
CA ARG A 170 -9.48 11.45 16.98
C ARG A 170 -8.15 10.72 17.17
N LEU A 171 -7.63 9.97 16.20
CA LEU A 171 -6.45 9.13 16.48
C LEU A 171 -5.21 9.63 15.72
N PRO A 172 -4.02 9.49 16.33
CA PRO A 172 -2.80 9.87 15.60
C PRO A 172 -2.42 8.76 14.62
N SER A 173 -1.31 8.99 13.91
CA SER A 173 -0.85 8.17 12.77
C SER A 173 -0.28 6.81 13.23
N TYR A 174 -0.14 6.56 14.51
CA TYR A 174 0.19 5.26 15.13
C TYR A 174 -0.97 4.26 14.92
N PHE A 175 -2.13 4.71 14.44
CA PHE A 175 -3.37 3.92 14.16
C PHE A 175 -3.72 4.00 12.68
N VAL A 176 -4.09 2.87 12.07
CA VAL A 176 -4.62 2.83 10.69
C VAL A 176 -6.02 3.37 10.78
N ARG A 177 -6.32 4.47 10.07
CA ARG A 177 -7.62 5.13 10.04
C ARG A 177 -8.42 4.67 8.83
N PRO A 178 -9.75 4.45 8.96
CA PRO A 178 -10.56 4.07 7.80
C PRO A 178 -10.71 5.21 6.78
N ASP A 179 -10.96 4.85 5.52
CA ASP A 179 -11.25 5.85 4.46
C ASP A 179 -12.57 6.53 4.82
N LEU A 180 -12.87 7.65 4.18
CA LEU A 180 -14.19 8.31 4.28
C LEU A 180 -15.22 7.46 3.50
N GLY A 181 -16.36 7.22 4.12
CA GLY A 181 -17.38 6.29 3.56
C GLY A 181 -18.61 7.10 3.20
N PRO A 182 -19.77 6.46 3.05
CA PRO A 182 -19.85 5.01 3.01
C PRO A 182 -19.41 4.39 1.67
N LYS A 183 -19.48 3.06 1.59
CA LYS A 183 -19.14 2.23 0.39
C LYS A 183 -20.38 1.40 0.02
N MET A 184 -20.73 1.37 -1.27
CA MET A 184 -21.85 0.58 -1.79
C MET A 184 -21.33 -0.76 -2.33
N TYR A 185 -22.07 -1.84 -2.07
CA TYR A 185 -21.77 -3.23 -2.47
C TYR A 185 -22.99 -3.78 -3.24
N ASN A 186 -22.85 -3.91 -4.57
CA ASN A 186 -23.96 -4.28 -5.49
C ASN A 186 -23.56 -5.55 -6.25
N ALA A 187 -24.39 -6.58 -6.20
CA ALA A 187 -24.12 -7.87 -6.87
C ALA A 187 -25.41 -8.64 -7.06
N TYR A 188 -25.44 -9.47 -8.11
CA TYR A 188 -26.56 -10.38 -8.36
C TYR A 188 -26.57 -11.54 -7.34
N GLY A 189 -27.67 -12.26 -7.27
CA GLY A 189 -27.76 -13.50 -6.46
C GLY A 189 -27.11 -14.68 -7.14
N LEU A 190 -26.51 -15.56 -6.34
CA LEU A 190 -26.00 -16.86 -6.77
C LEU A 190 -27.22 -17.81 -6.93
N ILE A 191 -27.17 -18.66 -7.95
CA ILE A 191 -28.40 -19.32 -8.53
C ILE A 191 -28.35 -20.84 -8.35
N THR A 192 -27.30 -21.50 -8.84
CA THR A 192 -27.28 -22.98 -9.06
C THR A 192 -26.78 -23.73 -7.83
N ALA A 193 -26.91 -25.07 -7.86
CA ALA A 193 -26.30 -25.95 -6.84
C ALA A 193 -24.78 -25.76 -6.81
N GLU A 194 -24.10 -25.70 -7.96
CA GLU A 194 -22.63 -25.44 -8.06
C GLU A 194 -22.30 -24.07 -7.43
N ASP A 195 -23.18 -23.08 -7.59
CA ASP A 195 -22.97 -21.72 -7.05
C ASP A 195 -22.92 -21.76 -5.50
N ARG A 196 -23.41 -22.82 -4.83
CA ARG A 196 -23.50 -22.85 -3.33
C ARG A 196 -22.09 -22.67 -2.74
N ARG A 197 -21.06 -23.12 -3.43
CA ARG A 197 -19.66 -23.12 -2.94
C ARG A 197 -18.90 -21.82 -3.28
N VAL A 198 -19.53 -20.83 -3.91
CA VAL A 198 -18.90 -19.57 -4.40
C VAL A 198 -19.24 -18.45 -3.41
N GLY A 199 -18.35 -17.48 -3.20
CA GLY A 199 -18.68 -16.28 -2.43
C GLY A 199 -19.03 -15.10 -3.33
N THR A 200 -19.84 -14.20 -2.85
CA THR A 200 -20.01 -12.84 -3.41
C THR A 200 -18.79 -12.03 -2.99
N THR A 201 -18.47 -12.07 -1.68
CA THR A 201 -17.23 -11.51 -1.13
C THR A 201 -16.52 -12.62 -0.36
N ASN A 202 -15.31 -12.96 -0.77
CA ASN A 202 -14.49 -14.01 -0.13
C ASN A 202 -14.10 -13.62 1.32
N LEU A 203 -13.66 -14.65 2.04
CA LEU A 203 -13.20 -14.53 3.45
C LEU A 203 -12.09 -13.50 3.55
N HIS A 204 -12.24 -12.53 4.43
CA HIS A 204 -11.27 -11.43 4.68
C HIS A 204 -11.51 -10.82 6.05
N LEU A 205 -10.64 -9.89 6.48
CA LEU A 205 -10.91 -9.11 7.70
C LEU A 205 -10.54 -7.65 7.47
N ASP A 206 -11.08 -6.78 8.31
CA ASP A 206 -10.89 -5.29 8.26
C ASP A 206 -10.31 -4.88 9.62
N VAL A 207 -9.42 -3.90 9.66
CA VAL A 207 -8.85 -3.47 10.97
C VAL A 207 -9.73 -2.43 11.67
N SER A 208 -10.78 -1.92 11.01
N SER A 208 -10.76 -1.93 11.00
CA SER A 208 -11.81 -1.03 11.61
CA SER A 208 -11.80 -1.04 11.57
C SER A 208 -13.12 -1.81 11.77
C SER A 208 -13.08 -1.87 11.84
N ASP A 209 -13.96 -1.35 12.71
CA ASP A 209 -15.33 -1.88 12.84
C ASP A 209 -16.13 -1.50 11.58
N ALA A 210 -17.22 -2.18 11.31
CA ALA A 210 -18.14 -1.73 10.22
C ALA A 210 -19.61 -1.98 10.55
N VAL A 211 -20.51 -1.18 9.98
CA VAL A 211 -21.98 -1.47 9.94
C VAL A 211 -22.40 -1.60 8.47
N ASN A 212 -23.03 -2.71 8.12
CA ASN A 212 -23.42 -3.03 6.73
C ASN A 212 -24.95 -3.08 6.66
N VAL A 213 -25.60 -2.20 5.87
CA VAL A 213 -27.10 -2.13 5.81
C VAL A 213 -27.61 -2.69 4.46
N MET A 214 -28.58 -3.56 4.49
CA MET A 214 -29.26 -4.10 3.28
C MET A 214 -30.41 -3.13 2.92
N VAL A 215 -30.25 -2.34 1.85
CA VAL A 215 -31.20 -1.24 1.49
C VAL A 215 -32.13 -1.71 0.37
N TYR A 216 -31.82 -2.78 -0.33
CA TYR A 216 -32.73 -3.30 -1.41
C TYR A 216 -32.40 -4.75 -1.71
N VAL A 217 -33.43 -5.58 -1.88
CA VAL A 217 -33.33 -6.98 -2.33
C VAL A 217 -34.23 -7.15 -3.57
N GLY A 218 -33.62 -7.61 -4.64
CA GLY A 218 -34.30 -7.87 -5.94
C GLY A 218 -34.44 -9.35 -6.14
N ILE A 219 -35.68 -9.82 -6.15
CA ILE A 219 -36.02 -11.25 -6.38
C ILE A 219 -36.51 -11.37 -7.81
N PRO A 220 -35.71 -11.97 -8.74
CA PRO A 220 -36.03 -11.93 -10.17
C PRO A 220 -37.32 -12.60 -10.66
N ILE A 221 -37.45 -12.53 -12.00
CA ILE A 221 -38.55 -12.99 -12.92
C ILE A 221 -37.91 -13.31 -14.30
N GLY A 222 -38.58 -14.19 -15.06
CA GLY A 222 -38.23 -14.54 -16.46
C GLY A 222 -37.46 -15.84 -16.53
N GLU A 223 -36.40 -15.96 -15.72
CA GLU A 223 -35.68 -17.22 -15.42
C GLU A 223 -35.42 -17.26 -13.90
N GLY A 224 -36.28 -16.61 -13.12
CA GLY A 224 -36.15 -16.47 -11.66
C GLY A 224 -36.81 -17.62 -10.93
N ALA A 225 -36.51 -18.85 -11.35
CA ALA A 225 -36.98 -20.12 -10.73
C ALA A 225 -35.86 -20.70 -9.88
N HIS A 226 -35.20 -19.86 -9.08
CA HIS A 226 -34.08 -20.24 -8.17
C HIS A 226 -34.51 -20.09 -6.69
N ASP A 227 -35.82 -19.94 -6.44
CA ASP A 227 -36.40 -19.85 -5.07
C ASP A 227 -36.16 -21.16 -4.31
N GLU A 228 -36.17 -22.30 -5.02
CA GLU A 228 -36.12 -23.65 -4.40
C GLU A 228 -34.70 -23.93 -3.90
N GLU A 229 -33.67 -23.62 -4.69
CA GLU A 229 -32.23 -23.87 -4.36
C GLU A 229 -31.76 -22.90 -3.24
N VAL A 230 -32.44 -21.76 -3.06
CA VAL A 230 -32.18 -20.81 -1.94
C VAL A 230 -32.61 -21.45 -0.60
N LEU A 231 -33.63 -22.31 -0.61
CA LEU A 231 -34.22 -22.92 0.63
C LEU A 231 -33.42 -24.15 1.10
N LYS A 232 -32.33 -24.51 0.41
N LYS A 232 -32.35 -24.50 0.38
CA LYS A 232 -31.35 -25.58 0.71
CA LYS A 232 -31.35 -25.59 0.63
C LYS A 232 -30.01 -24.94 1.09
C LYS A 232 -30.00 -24.96 1.04
N THR A 233 -29.72 -23.74 0.60
CA THR A 233 -28.50 -22.96 0.95
C THR A 233 -28.57 -22.55 2.42
N ILE A 234 -29.64 -21.85 2.81
CA ILE A 234 -29.96 -21.46 4.23
C ILE A 234 -29.63 -22.64 5.16
N ASP A 235 -30.19 -23.80 4.84
CA ASP A 235 -30.12 -25.03 5.69
C ASP A 235 -28.66 -25.54 5.81
N GLU A 236 -28.03 -25.81 4.68
CA GLU A 236 -26.63 -26.29 4.57
C GLU A 236 -25.65 -25.21 5.10
N GLY A 237 -26.03 -23.93 4.98
CA GLY A 237 -25.31 -22.77 5.55
C GLY A 237 -25.27 -22.80 7.07
N ASP A 238 -26.04 -23.69 7.75
CA ASP A 238 -26.01 -23.91 9.23
C ASP A 238 -26.86 -22.86 9.96
N ALA A 239 -27.84 -22.24 9.27
CA ALA A 239 -28.69 -21.19 9.86
C ALA A 239 -29.51 -21.80 11.01
N ASP A 240 -29.69 -21.08 12.12
CA ASP A 240 -30.37 -21.61 13.33
C ASP A 240 -31.86 -21.77 13.05
N GLU A 241 -32.58 -22.46 13.96
CA GLU A 241 -34.01 -22.78 13.74
C GLU A 241 -34.84 -21.48 13.73
N VAL A 242 -34.53 -20.51 14.56
CA VAL A 242 -35.31 -19.23 14.62
C VAL A 242 -35.13 -18.43 13.30
N THR A 243 -33.92 -18.38 12.73
CA THR A 243 -33.65 -17.74 11.41
C THR A 243 -34.48 -18.45 10.31
N LYS A 244 -34.43 -19.79 10.35
CA LYS A 244 -35.21 -20.73 9.48
C LYS A 244 -36.70 -20.41 9.64
N GLU A 245 -37.18 -20.32 10.88
CA GLU A 245 -38.55 -19.83 11.18
C GLU A 245 -38.76 -18.50 10.46
N ARG A 246 -37.77 -17.59 10.45
CA ARG A 246 -37.86 -16.27 9.77
C ARG A 246 -37.92 -16.45 8.25
N ILE A 247 -37.16 -17.38 7.68
CA ILE A 247 -37.20 -17.74 6.23
C ILE A 247 -38.57 -18.33 5.89
N HIS A 248 -39.00 -19.36 6.63
CA HIS A 248 -40.17 -20.22 6.31
C HIS A 248 -41.48 -19.47 6.58
N ASP A 249 -41.47 -18.41 7.40
CA ASP A 249 -42.65 -17.54 7.66
C ASP A 249 -43.06 -16.81 6.38
N HIS A 250 -42.08 -16.36 5.58
CA HIS A 250 -42.27 -15.81 4.21
C HIS A 250 -42.87 -14.39 4.26
N LYS A 251 -42.50 -13.60 5.27
CA LYS A 251 -42.98 -12.20 5.50
C LYS A 251 -41.91 -11.17 5.10
N GLU A 252 -40.62 -11.54 5.14
CA GLU A 252 -39.46 -10.63 4.85
C GLU A 252 -38.60 -11.22 3.73
N LYS A 253 -37.91 -10.36 2.97
CA LYS A 253 -37.03 -10.75 1.82
C LYS A 253 -35.61 -11.05 2.30
N PRO A 254 -35.08 -12.29 2.17
CA PRO A 254 -33.68 -12.59 2.53
C PRO A 254 -32.73 -12.12 1.42
N GLY A 255 -31.68 -11.39 1.78
CA GLY A 255 -30.67 -10.93 0.81
C GLY A 255 -29.45 -11.81 0.72
N ALA A 256 -28.74 -12.03 1.87
CA ALA A 256 -27.37 -12.58 1.84
C ALA A 256 -27.10 -13.46 3.07
N LEU A 257 -26.36 -14.51 2.86
CA LEU A 257 -25.86 -15.42 3.95
C LEU A 257 -24.43 -15.01 4.27
N TRP A 258 -24.17 -14.67 5.55
CA TRP A 258 -22.82 -14.32 6.07
C TRP A 258 -22.30 -15.46 6.93
N HIS A 259 -21.00 -15.65 6.96
CA HIS A 259 -20.34 -16.37 8.08
C HIS A 259 -19.33 -15.40 8.67
N ILE A 260 -19.38 -15.24 10.01
CA ILE A 260 -18.44 -14.35 10.73
C ILE A 260 -17.75 -15.20 11.79
N TYR A 261 -16.47 -14.94 12.00
CA TYR A 261 -15.63 -15.66 13.01
C TYR A 261 -15.03 -14.64 13.96
N ALA A 262 -14.84 -15.04 15.26
CA ALA A 262 -14.21 -14.14 16.23
C ALA A 262 -12.78 -13.79 15.84
N ALA A 263 -12.37 -12.54 16.11
CA ALA A 263 -11.01 -12.06 15.83
C ALA A 263 -10.01 -13.03 16.47
N LYS A 264 -10.32 -13.57 17.65
CA LYS A 264 -9.35 -14.45 18.38
C LYS A 264 -9.08 -15.74 17.60
N ASP A 265 -9.95 -16.12 16.64
CA ASP A 265 -9.81 -17.40 15.90
C ASP A 265 -9.14 -17.22 14.53
N ALA A 266 -8.70 -16.00 14.20
CA ALA A 266 -8.15 -15.72 12.83
C ALA A 266 -6.90 -16.59 12.53
N GLU A 267 -5.97 -16.77 13.47
CA GLU A 267 -4.76 -17.58 13.17
C GLU A 267 -5.11 -19.06 12.96
N LYS A 268 -6.03 -19.65 13.73
CA LYS A 268 -6.48 -21.04 13.49
C LYS A 268 -7.08 -21.18 12.10
N ILE A 269 -7.84 -20.18 11.63
CA ILE A 269 -8.38 -20.23 10.26
C ILE A 269 -7.20 -20.16 9.27
N ARG A 270 -6.18 -19.33 9.51
CA ARG A 270 -4.99 -19.29 8.59
C ARG A 270 -4.32 -20.69 8.55
N GLU A 271 -4.21 -21.36 9.67
CA GLU A 271 -3.59 -22.71 9.71
C GLU A 271 -4.40 -23.67 8.83
N LEU A 272 -5.73 -23.70 8.95
CA LEU A 272 -6.57 -24.60 8.12
C LEU A 272 -6.31 -24.29 6.64
N LEU A 273 -6.34 -23.02 6.25
CA LEU A 273 -6.27 -22.65 4.81
C LEU A 273 -4.87 -22.93 4.25
N ARG A 274 -3.81 -22.83 5.07
CA ARG A 274 -2.44 -23.27 4.61
C ARG A 274 -2.42 -24.79 4.37
N LYS A 275 -2.99 -25.59 5.25
CA LYS A 275 -3.10 -27.06 5.07
C LYS A 275 -3.91 -27.39 3.82
N VAL A 276 -5.08 -26.77 3.66
CA VAL A 276 -5.91 -27.03 2.45
C VAL A 276 -5.19 -26.56 1.18
N GLY A 277 -4.53 -25.40 1.16
CA GLY A 277 -3.79 -24.93 -0.03
C GLY A 277 -2.70 -25.93 -0.42
N GLU A 278 -2.01 -26.50 0.56
CA GLU A 278 -0.94 -27.50 0.33
C GLU A 278 -1.58 -28.80 -0.19
N GLU A 279 -2.68 -29.26 0.38
CA GLU A 279 -3.40 -30.46 -0.12
C GLU A 279 -3.77 -30.26 -1.60
N GLN A 280 -4.16 -29.05 -2.00
CA GLN A 280 -4.64 -28.76 -3.38
C GLN A 280 -3.46 -28.39 -4.28
N GLY A 281 -2.24 -28.69 -3.86
CA GLY A 281 -1.02 -28.49 -4.67
C GLY A 281 -0.67 -27.02 -4.89
N GLN A 282 -1.20 -26.07 -4.12
CA GLN A 282 -0.67 -24.67 -4.11
C GLN A 282 0.75 -24.72 -3.51
N GLU A 283 1.64 -23.82 -3.90
CA GLU A 283 3.06 -23.87 -3.44
C GLU A 283 3.36 -22.54 -2.75
N ASN A 284 3.04 -22.47 -1.45
CA ASN A 284 2.99 -21.22 -0.66
C ASN A 284 4.04 -21.28 0.45
N PRO A 285 4.73 -20.15 0.79
CA PRO A 285 5.61 -20.11 1.96
C PRO A 285 4.84 -20.32 3.26
N PRO A 286 5.49 -20.86 4.32
CA PRO A 286 4.79 -21.32 5.53
C PRO A 286 4.08 -20.20 6.33
N ASP A 287 4.42 -18.95 6.00
CA ASP A 287 4.02 -17.71 6.72
C ASP A 287 2.97 -16.93 5.91
N HIS A 288 2.63 -17.33 4.69
CA HIS A 288 1.76 -16.48 3.82
C HIS A 288 0.37 -16.40 4.47
N ASP A 289 -0.36 -15.34 4.15
CA ASP A 289 -1.65 -15.01 4.86
C ASP A 289 -2.82 -15.27 3.93
N PRO A 290 -3.48 -16.45 4.02
CA PRO A 290 -4.65 -16.77 3.17
C PRO A 290 -5.88 -15.91 3.46
N ILE A 291 -5.98 -15.28 4.63
CA ILE A 291 -7.11 -14.35 4.88
C ILE A 291 -6.83 -13.02 4.14
N HIS A 292 -5.63 -12.44 4.24
CA HIS A 292 -5.34 -11.16 3.55
C HIS A 292 -5.46 -11.31 2.03
N ASP A 293 -5.16 -12.48 1.49
CA ASP A 293 -5.22 -12.79 0.03
C ASP A 293 -6.65 -12.74 -0.52
N GLN A 294 -7.68 -12.93 0.33
CA GLN A 294 -9.11 -12.75 -0.06
C GLN A 294 -9.44 -13.74 -1.20
N SER A 295 -8.87 -14.94 -1.16
CA SER A 295 -8.96 -15.93 -2.27
C SER A 295 -9.85 -17.13 -1.88
N TRP A 296 -10.26 -17.25 -0.61
CA TRP A 296 -11.02 -18.44 -0.15
C TRP A 296 -12.49 -18.13 0.18
N TYR A 297 -13.40 -19.06 -0.12
CA TYR A 297 -14.77 -19.10 0.46
C TYR A 297 -14.93 -20.43 1.19
N LEU A 298 -15.22 -20.37 2.48
CA LEU A 298 -15.47 -21.59 3.29
C LEU A 298 -16.84 -22.18 2.96
N ASP A 299 -16.86 -23.27 2.18
CA ASP A 299 -18.09 -24.04 1.84
C ASP A 299 -18.47 -24.99 3.00
N GLN A 300 -19.55 -25.76 2.89
CA GLN A 300 -20.00 -26.65 3.97
C GLN A 300 -18.85 -27.58 4.43
N THR A 301 -18.09 -28.15 3.49
CA THR A 301 -16.96 -29.08 3.78
C THR A 301 -15.92 -28.36 4.65
N LEU A 302 -15.51 -27.16 4.21
CA LEU A 302 -14.43 -26.41 4.93
C LEU A 302 -14.96 -25.92 6.29
N ARG A 303 -16.22 -25.50 6.42
CA ARG A 303 -16.77 -25.02 7.72
C ARG A 303 -16.75 -26.21 8.68
N LYS A 304 -17.15 -27.40 8.22
CA LYS A 304 -17.18 -28.58 9.13
C LYS A 304 -15.73 -28.93 9.58
N ARG A 305 -14.76 -28.90 8.67
CA ARG A 305 -13.34 -29.18 8.97
C ARG A 305 -12.82 -28.16 10.00
N LEU A 306 -13.23 -26.90 9.87
CA LEU A 306 -12.76 -25.84 10.82
C LEU A 306 -13.24 -26.20 12.23
N TYR A 307 -14.50 -26.60 12.36
CA TYR A 307 -15.11 -26.98 13.65
C TYR A 307 -14.41 -28.26 14.17
N GLU A 308 -14.39 -29.33 13.37
CA GLU A 308 -13.95 -30.68 13.86
C GLU A 308 -12.44 -30.69 14.17
N GLU A 309 -11.59 -30.11 13.32
CA GLU A 309 -10.11 -30.25 13.32
C GLU A 309 -9.42 -29.13 14.13
N TYR A 310 -10.07 -27.96 14.27
CA TYR A 310 -9.45 -26.79 14.93
C TYR A 310 -10.30 -26.28 16.10
N GLY A 311 -11.51 -26.81 16.31
CA GLY A 311 -12.37 -26.36 17.42
C GLY A 311 -12.96 -24.96 17.30
N VAL A 312 -13.13 -24.48 16.06
CA VAL A 312 -13.61 -23.09 15.80
C VAL A 312 -15.09 -23.12 15.33
N GLN A 313 -15.91 -22.36 16.02
CA GLN A 313 -17.34 -22.13 15.71
C GLN A 313 -17.51 -20.69 15.23
N GLY A 314 -18.35 -20.46 14.24
CA GLY A 314 -18.69 -19.09 13.81
C GLY A 314 -20.17 -18.77 13.98
N TRP A 315 -20.57 -17.66 13.39
CA TRP A 315 -21.95 -17.15 13.38
C TRP A 315 -22.43 -17.20 11.91
N ALA A 316 -23.46 -17.97 11.65
CA ALA A 316 -24.18 -18.01 10.35
C ALA A 316 -25.38 -17.05 10.39
N ILE A 317 -25.35 -15.97 9.58
CA ILE A 317 -26.29 -14.82 9.71
C ILE A 317 -26.99 -14.62 8.35
N VAL A 318 -28.30 -14.69 8.33
CA VAL A 318 -29.06 -14.27 7.12
C VAL A 318 -29.50 -12.82 7.27
N GLN A 319 -28.98 -11.97 6.37
CA GLN A 319 -29.25 -10.52 6.34
C GLN A 319 -30.48 -10.29 5.42
N PHE A 320 -31.61 -9.91 6.01
CA PHE A 320 -32.87 -9.60 5.29
C PHE A 320 -32.86 -8.13 4.89
N LEU A 321 -33.80 -7.72 4.01
CA LEU A 321 -34.04 -6.29 3.74
C LEU A 321 -34.18 -5.49 5.05
N GLY A 322 -33.39 -4.44 5.16
CA GLY A 322 -33.35 -3.49 6.28
C GLY A 322 -32.53 -3.99 7.48
N ASP A 323 -31.92 -5.14 7.39
CA ASP A 323 -31.00 -5.59 8.50
C ASP A 323 -29.67 -4.83 8.39
N ALA A 324 -29.15 -4.38 9.53
CA ALA A 324 -27.80 -3.81 9.72
C ALA A 324 -26.92 -4.83 10.44
N VAL A 325 -25.89 -5.33 9.78
CA VAL A 325 -24.90 -6.26 10.41
C VAL A 325 -23.73 -5.42 10.94
N PHE A 326 -23.41 -5.55 12.24
CA PHE A 326 -22.23 -4.95 12.90
C PHE A 326 -21.11 -6.00 12.91
N ILE A 327 -19.98 -5.70 12.24
CA ILE A 327 -18.82 -6.62 12.08
C ILE A 327 -17.65 -6.08 12.94
N PRO A 328 -17.24 -6.79 14.00
CA PRO A 328 -16.14 -6.31 14.84
C PRO A 328 -14.80 -6.28 14.09
N ALA A 329 -13.97 -5.24 14.38
CA ALA A 329 -12.58 -5.17 13.87
C ALA A 329 -11.82 -6.48 14.12
N GLY A 330 -11.10 -6.94 13.09
CA GLY A 330 -10.31 -8.16 13.18
C GLY A 330 -11.08 -9.47 12.94
N ALA A 331 -12.42 -9.43 12.85
CA ALA A 331 -13.23 -10.65 12.67
C ALA A 331 -13.25 -11.13 11.22
N PRO A 332 -12.70 -12.30 10.89
CA PRO A 332 -12.79 -12.84 9.53
C PRO A 332 -14.26 -13.02 9.11
N HIS A 333 -14.63 -12.66 7.86
CA HIS A 333 -16.06 -12.80 7.41
C HIS A 333 -16.14 -12.93 5.88
N GLN A 334 -17.20 -13.61 5.46
CA GLN A 334 -17.51 -13.90 4.03
C GLN A 334 -19.00 -13.68 3.81
N VAL A 335 -19.40 -13.40 2.54
CA VAL A 335 -20.78 -13.01 2.16
C VAL A 335 -21.17 -13.77 0.87
N HIS A 336 -22.36 -14.36 0.87
CA HIS A 336 -22.90 -15.14 -0.26
C HIS A 336 -24.32 -14.60 -0.55
N ASN A 337 -24.50 -13.86 -1.65
CA ASN A 337 -25.84 -13.34 -2.00
C ASN A 337 -26.81 -14.44 -2.45
N LEU A 338 -27.97 -14.45 -1.84
CA LEU A 338 -29.08 -15.40 -2.11
C LEU A 338 -29.90 -14.83 -3.27
N TYR A 339 -30.19 -13.54 -3.20
CA TYR A 339 -30.84 -12.76 -4.30
C TYR A 339 -29.99 -11.54 -4.64
N SER A 340 -30.38 -10.75 -5.67
CA SER A 340 -29.65 -9.50 -6.02
C SER A 340 -29.73 -8.47 -4.88
N CYS A 341 -28.58 -7.94 -4.44
CA CYS A 341 -28.50 -7.08 -3.23
C CYS A 341 -27.86 -5.74 -3.50
N ILE A 342 -28.39 -4.69 -2.87
CA ILE A 342 -27.73 -3.38 -2.67
C ILE A 342 -27.45 -3.24 -1.18
N LYS A 343 -26.17 -3.19 -0.81
CA LYS A 343 -25.74 -2.98 0.59
C LYS A 343 -24.99 -1.65 0.66
N VAL A 344 -25.06 -0.96 1.80
CA VAL A 344 -24.24 0.24 2.03
C VAL A 344 -23.57 0.12 3.41
N ALA A 345 -22.26 0.28 3.45
CA ALA A 345 -21.48 0.03 4.72
C ALA A 345 -20.71 1.29 5.12
N GLU A 346 -20.60 1.52 6.44
CA GLU A 346 -19.81 2.65 7.02
C GLU A 346 -18.80 2.04 7.99
N ASP A 347 -17.53 2.39 7.85
CA ASP A 347 -16.49 1.99 8.84
C ASP A 347 -16.47 2.96 10.04
N PHE A 348 -16.04 2.50 11.20
CA PHE A 348 -15.92 3.34 12.44
C PHE A 348 -14.88 2.67 13.33
N VAL A 349 -14.42 3.37 14.39
CA VAL A 349 -13.38 2.85 15.31
C VAL A 349 -13.91 2.97 16.73
N SER A 350 -14.56 1.92 17.24
CA SER A 350 -15.01 1.90 18.64
C SER A 350 -13.84 1.76 19.61
N PRO A 351 -13.98 2.32 20.83
CA PRO A 351 -12.93 2.16 21.82
C PRO A 351 -12.71 0.70 22.22
N GLU A 352 -13.78 -0.12 22.18
CA GLU A 352 -13.73 -1.57 22.54
C GLU A 352 -12.71 -2.31 21.65
N HIS A 353 -12.49 -1.87 20.41
CA HIS A 353 -11.71 -2.67 19.43
C HIS A 353 -10.56 -1.87 18.79
N VAL A 354 -10.20 -0.76 19.38
CA VAL A 354 -9.11 0.11 18.82
C VAL A 354 -7.78 -0.65 18.75
N LYS A 355 -7.48 -1.62 19.62
CA LYS A 355 -6.22 -2.43 19.54
C LYS A 355 -5.99 -3.02 18.15
N HIS A 356 -7.05 -3.33 17.37
CA HIS A 356 -6.90 -4.03 16.08
C HIS A 356 -6.26 -3.12 15.02
N CYS A 357 -6.25 -1.78 15.16
CA CYS A 357 -5.66 -0.89 14.13
C CYS A 357 -4.34 -0.25 14.62
N PHE A 358 -3.83 -0.58 15.79
CA PHE A 358 -2.57 0.00 16.32
C PHE A 358 -1.38 -0.60 15.50
N ARG A 359 -0.45 0.25 15.10
CA ARG A 359 0.68 -0.13 14.21
C ARG A 359 1.89 -0.70 14.98
N LEU A 360 1.89 -0.79 16.30
CA LEU A 360 3.03 -1.45 17.01
C LEU A 360 2.62 -2.71 17.77
N THR A 361 3.62 -3.42 18.29
CA THR A 361 3.61 -4.69 19.09
C THR A 361 2.57 -5.65 18.54
N MET B 23 50.68 6.77 -10.08
CA MET B 23 50.78 5.76 -8.99
C MET B 23 49.60 5.96 -8.02
N THR B 24 48.68 6.85 -8.34
CA THR B 24 47.43 7.00 -7.56
C THR B 24 46.73 5.63 -7.49
N SER B 25 46.38 5.15 -6.29
CA SER B 25 45.65 3.86 -6.10
C SER B 25 44.25 3.95 -6.72
N HIS B 26 43.97 3.07 -7.68
CA HIS B 26 42.68 3.02 -8.40
C HIS B 26 42.42 1.66 -9.02
N SER B 27 41.17 1.40 -9.40
CA SER B 27 40.75 0.24 -10.22
C SER B 27 39.55 0.65 -11.06
N TRP B 28 39.12 -0.24 -11.96
CA TRP B 28 38.05 0.02 -12.96
C TRP B 28 36.99 -1.06 -12.72
N LEU B 29 35.74 -0.66 -12.46
CA LEU B 29 34.61 -1.61 -12.25
C LEU B 29 33.63 -1.45 -13.40
N CYS B 30 32.46 -2.12 -13.34
CA CYS B 30 31.45 -2.03 -14.42
C CYS B 30 32.17 -2.34 -15.75
N ASP B 31 32.96 -3.44 -15.77
CA ASP B 31 33.67 -3.96 -16.97
C ASP B 31 34.51 -2.82 -17.60
N GLY B 32 35.34 -2.13 -16.80
CA GLY B 32 36.23 -1.04 -17.24
C GLY B 32 35.65 0.38 -17.32
N ARG B 33 34.33 0.62 -17.10
CA ARG B 33 33.68 1.93 -17.41
C ARG B 33 33.50 2.80 -16.16
N LEU B 34 33.86 2.31 -14.95
CA LEU B 34 33.72 3.12 -13.69
C LEU B 34 35.06 3.25 -12.99
N LEU B 35 35.62 4.48 -12.85
CA LEU B 35 36.80 4.74 -12.03
C LEU B 35 36.47 4.57 -10.57
N CYS B 36 37.31 3.81 -9.85
CA CYS B 36 37.20 3.67 -8.38
C CYS B 36 38.54 4.11 -7.79
N LEU B 37 38.58 5.23 -7.09
CA LEU B 37 39.77 5.77 -6.38
C LEU B 37 39.75 5.27 -4.95
N HIS B 38 40.87 4.76 -4.41
CA HIS B 38 40.90 4.00 -3.13
C HIS B 38 41.52 4.78 -1.96
N ASP B 39 42.25 5.88 -2.19
CA ASP B 39 42.74 6.73 -1.08
C ASP B 39 42.00 8.07 -1.10
N PRO B 40 41.04 8.29 -0.17
CA PRO B 40 40.19 9.49 -0.25
C PRO B 40 40.96 10.81 -0.08
N SER B 41 42.11 10.81 0.59
CA SER B 41 42.93 12.02 0.86
C SER B 41 44.14 12.19 -0.10
N ASN B 42 44.27 11.40 -1.15
CA ASN B 42 45.43 11.60 -2.09
C ASN B 42 45.23 12.89 -2.90
N LYS B 43 46.14 13.87 -2.81
CA LYS B 43 45.99 15.18 -3.49
C LYS B 43 46.13 15.05 -5.03
N ASN B 44 46.54 13.89 -5.56
CA ASN B 44 46.62 13.62 -7.02
C ASN B 44 45.31 12.98 -7.58
N ASN B 45 44.25 12.77 -6.76
CA ASN B 45 43.01 12.08 -7.25
C ASN B 45 42.44 12.77 -8.48
N TRP B 46 42.55 14.11 -8.60
CA TRP B 46 41.98 14.91 -9.69
C TRP B 46 42.54 14.44 -11.07
N LYS B 47 43.74 13.89 -11.10
CA LYS B 47 44.42 13.63 -12.41
C LYS B 47 43.62 12.66 -13.27
N ILE B 48 43.24 11.50 -12.73
CA ILE B 48 42.48 10.47 -13.52
C ILE B 48 40.96 10.76 -13.50
N PHE B 49 40.47 11.38 -12.43
CA PHE B 49 39.06 11.85 -12.33
C PHE B 49 38.65 12.76 -13.49
N ARG B 50 39.53 13.71 -13.90
CA ARG B 50 39.18 14.78 -14.88
C ARG B 50 38.55 14.24 -16.16
N GLU B 51 39.19 13.27 -16.84
CA GLU B 51 38.68 12.80 -18.14
C GLU B 51 37.36 12.02 -17.95
N CYS B 52 37.24 11.23 -16.88
CA CYS B 52 36.00 10.46 -16.62
C CYS B 52 34.84 11.46 -16.41
N TRP B 53 35.09 12.51 -15.66
CA TRP B 53 34.07 13.56 -15.37
C TRP B 53 33.75 14.38 -16.61
N LYS B 54 34.75 14.70 -17.46
CA LYS B 54 34.46 15.38 -18.75
C LYS B 54 33.57 14.53 -19.67
N GLN B 55 33.74 13.21 -19.70
CA GLN B 55 32.95 12.27 -20.54
C GLN B 55 31.56 12.03 -19.91
N GLY B 56 31.25 12.64 -18.77
CA GLY B 56 29.93 12.56 -18.13
C GLY B 56 29.70 11.25 -17.35
N GLN B 57 30.77 10.64 -16.89
CA GLN B 57 30.69 9.36 -16.13
C GLN B 57 30.57 9.66 -14.64
N PRO B 58 29.81 8.84 -13.85
CA PRO B 58 30.01 8.83 -12.41
C PRO B 58 31.37 8.26 -12.03
N VAL B 59 31.84 8.59 -10.85
CA VAL B 59 33.11 8.12 -10.25
C VAL B 59 32.84 7.68 -8.81
N LEU B 60 33.55 6.66 -8.32
CA LEU B 60 33.47 6.21 -6.91
C LEU B 60 34.80 6.43 -6.18
N VAL B 61 34.75 6.86 -4.93
CA VAL B 61 35.94 6.99 -4.05
C VAL B 61 35.63 6.19 -2.79
N SER B 62 36.44 5.19 -2.47
CA SER B 62 36.22 4.30 -1.31
C SER B 62 37.00 4.82 -0.11
N GLY B 63 36.65 4.33 1.09
CA GLY B 63 37.44 4.54 2.31
C GLY B 63 37.10 5.77 3.15
N VAL B 64 36.06 6.55 2.82
CA VAL B 64 35.73 7.82 3.54
C VAL B 64 35.40 7.51 5.03
N HIS B 65 34.80 6.35 5.30
CA HIS B 65 34.38 5.93 6.68
C HIS B 65 35.58 5.89 7.61
N LYS B 66 36.75 5.52 7.08
CA LYS B 66 38.02 5.46 7.86
C LYS B 66 38.46 6.87 8.28
N LYS B 67 38.02 7.92 7.61
CA LYS B 67 38.37 9.33 7.92
C LYS B 67 37.42 9.98 8.94
N LEU B 68 36.23 9.40 9.19
CA LEU B 68 35.17 10.02 10.02
C LEU B 68 35.30 9.50 11.47
N LYS B 69 34.59 10.16 12.39
CA LYS B 69 34.38 9.71 13.80
C LYS B 69 33.15 8.79 13.83
N SER B 70 33.38 7.48 13.84
CA SER B 70 32.33 6.46 13.66
C SER B 70 31.22 6.62 14.72
N GLU B 71 31.51 7.05 15.95
CA GLU B 71 30.52 7.22 17.05
C GLU B 71 29.48 8.31 16.70
N LEU B 72 29.78 9.26 15.82
CA LEU B 72 28.87 10.35 15.40
C LEU B 72 27.81 9.80 14.42
N TRP B 73 28.01 8.65 13.78
CA TRP B 73 27.16 8.24 12.63
C TRP B 73 26.38 6.96 12.95
N LYS B 74 26.07 6.71 14.23
CA LYS B 74 25.37 5.48 14.65
C LYS B 74 23.88 5.77 14.86
N PRO B 75 22.99 4.85 14.44
CA PRO B 75 21.54 5.03 14.66
C PRO B 75 21.16 5.30 16.13
N GLU B 76 21.83 4.63 17.09
CA GLU B 76 21.54 4.77 18.55
C GLU B 76 21.79 6.21 18.99
N ALA B 77 22.83 6.86 18.47
CA ALA B 77 23.19 8.24 18.86
C ALA B 77 22.15 9.24 18.31
N PHE B 78 21.66 9.06 17.09
CA PHE B 78 20.63 9.97 16.51
C PHE B 78 19.35 9.85 17.38
N SER B 79 18.99 8.63 17.76
CA SER B 79 17.80 8.35 18.61
C SER B 79 17.98 9.01 19.98
N GLN B 80 19.12 8.85 20.65
CA GLN B 80 19.30 9.43 22.02
C GLN B 80 19.32 10.97 21.94
N GLU B 81 19.98 11.54 20.95
CA GLU B 81 20.16 13.01 20.84
C GLU B 81 18.89 13.70 20.34
N PHE B 82 18.12 13.10 19.42
CA PHE B 82 17.10 13.88 18.66
C PHE B 82 15.72 13.18 18.65
N GLY B 83 15.54 12.15 19.46
CA GLY B 83 14.46 11.15 19.26
C GLY B 83 13.08 11.63 19.70
N ASP B 84 12.96 12.74 20.44
CA ASP B 84 11.62 13.27 20.84
C ASP B 84 11.13 14.32 19.83
N GLN B 85 11.84 14.55 18.72
CA GLN B 85 11.37 15.43 17.63
C GLN B 85 10.20 14.77 16.88
N ASP B 86 9.28 15.58 16.37
CA ASP B 86 8.16 15.07 15.54
C ASP B 86 8.61 15.08 14.10
N VAL B 87 8.18 14.08 13.33
CA VAL B 87 8.65 13.93 11.93
C VAL B 87 7.61 13.18 11.08
N ASP B 88 7.71 13.29 9.76
CA ASP B 88 6.93 12.44 8.82
C ASP B 88 7.82 11.34 8.25
N LEU B 89 7.26 10.15 8.05
CA LEU B 89 7.92 9.01 7.35
C LEU B 89 7.16 8.71 6.06
N VAL B 90 7.84 8.05 5.11
CA VAL B 90 7.24 7.54 3.86
C VAL B 90 7.37 6.01 3.82
N ASN B 91 6.25 5.34 3.53
CA ASN B 91 6.17 3.88 3.27
C ASN B 91 6.68 3.66 1.82
N CYS B 92 7.88 3.11 1.66
CA CYS B 92 8.53 2.93 0.33
C CYS B 92 7.69 2.06 -0.60
N ARG B 93 6.86 1.15 -0.07
CA ARG B 93 6.07 0.18 -0.91
C ARG B 93 4.88 0.88 -1.59
N ASN B 94 4.24 1.87 -0.95
CA ASN B 94 3.00 2.44 -1.52
C ASN B 94 3.08 3.98 -1.56
N CYS B 95 4.20 4.61 -1.18
CA CYS B 95 4.45 6.08 -1.15
C CYS B 95 3.56 6.81 -0.14
N ALA B 96 2.89 6.11 0.77
CA ALA B 96 2.00 6.75 1.77
C ALA B 96 2.83 7.53 2.81
N ILE B 97 2.33 8.67 3.28
CA ILE B 97 2.98 9.49 4.34
C ILE B 97 2.41 9.09 5.69
N ILE B 98 3.27 8.73 6.63
CA ILE B 98 2.91 8.46 8.04
C ILE B 98 3.29 9.74 8.81
N SER B 99 2.29 10.61 9.10
CA SER B 99 2.53 11.99 9.58
C SER B 99 2.67 12.08 11.12
N ASP B 100 3.60 12.91 11.56
CA ASP B 100 3.71 13.37 12.97
C ASP B 100 3.92 12.20 13.94
N VAL B 101 4.95 11.37 13.72
CA VAL B 101 5.45 10.39 14.71
C VAL B 101 6.79 10.89 15.26
N LYS B 102 7.37 10.16 16.20
CA LYS B 102 8.65 10.52 16.86
C LYS B 102 9.84 9.99 16.05
N VAL B 103 10.89 10.79 15.90
CA VAL B 103 12.19 10.39 15.28
C VAL B 103 12.62 9.05 15.90
N ARG B 104 12.46 8.82 17.22
CA ARG B 104 12.91 7.55 17.86
C ARG B 104 12.14 6.33 17.33
N ASP B 105 10.89 6.50 16.84
CA ASP B 105 10.12 5.34 16.31
C ASP B 105 10.71 4.93 14.93
N PHE B 106 11.37 5.82 14.19
CA PHE B 106 12.13 5.41 12.96
C PHE B 106 13.43 4.72 13.39
N TRP B 107 14.26 5.37 14.24
CA TRP B 107 15.64 4.87 14.52
C TRP B 107 15.57 3.56 15.32
N ASP B 108 14.58 3.35 16.20
CA ASP B 108 14.62 2.14 17.06
C ASP B 108 14.25 0.87 16.28
N GLY B 109 13.65 0.95 15.07
CA GLY B 109 13.44 -0.16 14.15
C GLY B 109 14.46 -0.24 12.99
N PHE B 110 15.51 0.57 13.04
CA PHE B 110 16.48 0.63 11.90
C PHE B 110 17.08 -0.75 11.62
N GLU B 111 17.43 -1.50 12.67
CA GLU B 111 18.08 -2.84 12.55
C GLU B 111 17.25 -3.93 13.24
N ILE B 112 16.30 -3.59 14.11
CA ILE B 112 15.39 -4.56 14.83
C ILE B 112 14.02 -4.55 14.16
N ILE B 113 13.73 -5.52 13.34
CA ILE B 113 12.56 -5.53 12.43
C ILE B 113 11.23 -5.60 13.25
N CYS B 114 11.22 -6.34 14.37
CA CYS B 114 9.97 -6.54 15.17
C CYS B 114 9.54 -5.21 15.82
N LYS B 115 10.45 -4.21 15.91
CA LYS B 115 10.18 -2.89 16.53
C LYS B 115 9.56 -1.90 15.52
N ARG B 116 9.48 -2.23 14.26
CA ARG B 116 9.03 -1.28 13.22
C ARG B 116 7.52 -1.06 13.29
N LEU B 117 7.11 0.15 12.87
CA LEU B 117 5.70 0.46 12.56
C LEU B 117 5.21 -0.50 11.46
N ARG B 118 3.98 -1.00 11.61
CA ARG B 118 3.34 -1.96 10.69
C ARG B 118 2.26 -1.36 9.80
N SER B 119 2.01 -1.99 8.65
CA SER B 119 0.94 -1.61 7.69
C SER B 119 -0.33 -2.39 8.11
N GLU B 120 -1.41 -2.20 7.37
CA GLU B 120 -2.79 -2.78 7.58
C GLU B 120 -2.69 -4.32 7.55
N ASP B 121 -1.75 -4.89 6.80
CA ASP B 121 -1.57 -6.36 6.68
C ASP B 121 -0.79 -6.94 7.86
N GLY B 122 -0.46 -6.15 8.90
CA GLY B 122 0.35 -6.59 10.04
C GLY B 122 1.84 -6.78 9.75
N GLN B 123 2.35 -6.44 8.55
CA GLN B 123 3.77 -6.62 8.19
C GLN B 123 4.55 -5.36 8.63
N PRO B 124 5.82 -5.52 9.04
CA PRO B 124 6.72 -4.39 9.29
C PRO B 124 6.93 -3.58 8.00
N MET B 125 6.81 -2.25 8.08
CA MET B 125 6.97 -1.37 6.89
C MET B 125 8.47 -1.12 6.62
N VAL B 126 8.75 -0.92 5.35
CA VAL B 126 10.05 -0.37 4.86
C VAL B 126 9.85 1.14 4.75
N LEU B 127 10.53 1.89 5.63
CA LEU B 127 10.27 3.32 5.84
C LEU B 127 11.50 4.18 5.46
N LYS B 128 11.24 5.40 4.99
CA LYS B 128 12.30 6.44 4.91
C LYS B 128 11.90 7.67 5.71
N LEU B 129 12.86 8.30 6.35
CA LEU B 129 12.67 9.54 7.11
C LEU B 129 12.59 10.70 6.13
N LYS B 130 11.49 11.44 6.12
CA LYS B 130 11.32 12.56 5.17
C LYS B 130 11.91 13.85 5.78
N ASP B 131 12.71 14.56 4.98
CA ASP B 131 13.09 15.97 5.25
C ASP B 131 13.65 16.11 6.68
N TRP B 132 14.70 15.37 7.01
CA TRP B 132 15.32 15.40 8.36
C TRP B 132 16.85 15.35 8.27
N PRO B 133 17.59 16.28 8.94
CA PRO B 133 17.03 17.50 9.52
C PRO B 133 16.31 18.33 8.46
N PRO B 134 15.26 19.08 8.85
CA PRO B 134 14.41 19.81 7.92
C PRO B 134 15.11 20.98 7.23
N GLY B 135 14.76 21.22 5.96
CA GLY B 135 15.27 22.34 5.16
C GLY B 135 16.78 22.34 5.20
N GLU B 136 17.38 23.43 5.71
CA GLU B 136 18.85 23.68 5.77
C GLU B 136 19.29 23.67 7.25
N ASP B 137 18.58 22.96 8.13
CA ASP B 137 18.90 22.98 9.59
C ASP B 137 20.06 22.04 9.94
N PHE B 138 20.64 21.33 8.95
CA PHE B 138 21.67 20.30 9.21
C PHE B 138 22.82 20.92 9.99
N ARG B 139 23.38 22.06 9.53
CA ARG B 139 24.49 22.75 10.23
C ARG B 139 24.08 23.17 11.65
N ASP B 140 22.90 23.78 11.81
CA ASP B 140 22.45 24.32 13.13
C ASP B 140 22.10 23.18 14.08
N MET B 141 21.46 22.10 13.59
CA MET B 141 21.01 21.02 14.48
C MET B 141 22.18 20.10 14.84
N MET B 142 23.12 19.89 13.90
CA MET B 142 24.17 18.84 14.03
C MET B 142 25.55 19.42 13.70
N PRO B 143 26.04 20.44 14.44
CA PRO B 143 27.30 21.11 14.04
C PRO B 143 28.54 20.20 14.02
N THR B 144 28.65 19.24 14.94
CA THR B 144 29.83 18.32 15.01
C THR B 144 29.82 17.34 13.83
N ARG B 145 28.63 16.86 13.41
CA ARG B 145 28.46 16.00 12.19
C ARG B 145 28.78 16.81 10.91
N PHE B 146 28.36 18.06 10.84
CA PHE B 146 28.68 18.97 9.71
C PHE B 146 30.20 19.08 9.55
N GLU B 147 30.91 19.39 10.64
CA GLU B 147 32.40 19.58 10.61
C GLU B 147 33.06 18.24 10.21
N ASP B 148 32.61 17.11 10.76
CA ASP B 148 33.23 15.78 10.52
C ASP B 148 33.08 15.45 9.02
N LEU B 149 31.88 15.61 8.45
CA LEU B 149 31.68 15.35 7.00
C LEU B 149 32.48 16.33 6.10
N MET B 150 32.35 17.65 6.28
CA MET B 150 32.96 18.63 5.32
C MET B 150 34.49 18.55 5.31
N GLU B 151 35.12 18.28 6.46
CA GLU B 151 36.59 18.21 6.54
C GLU B 151 37.08 16.97 5.80
N ASN B 152 36.24 15.95 5.56
CA ASN B 152 36.70 14.63 5.07
C ASN B 152 36.10 14.29 3.69
N LEU B 153 35.44 15.23 3.02
CA LEU B 153 34.90 14.99 1.65
C LEU B 153 36.07 14.80 0.69
N PRO B 154 36.00 13.78 -0.18
CA PRO B 154 37.01 13.58 -1.22
C PRO B 154 36.89 14.65 -2.32
N LEU B 155 37.93 14.75 -3.13
CA LEU B 155 38.02 15.77 -4.22
C LEU B 155 37.60 17.14 -3.64
N PRO B 156 38.24 17.60 -2.54
CA PRO B 156 37.83 18.82 -1.85
C PRO B 156 37.94 20.11 -2.68
N GLU B 157 38.83 20.21 -3.68
CA GLU B 157 38.84 21.43 -4.53
C GLU B 157 37.55 21.53 -5.34
N TYR B 158 36.82 20.41 -5.50
CA TYR B 158 35.56 20.35 -6.28
C TYR B 158 34.38 20.49 -5.29
N THR B 159 34.48 19.84 -4.13
CA THR B 159 33.29 19.53 -3.27
C THR B 159 33.13 20.54 -2.11
N LYS B 160 34.19 21.14 -1.55
CA LYS B 160 34.05 22.12 -0.42
C LYS B 160 33.58 23.50 -0.93
N ARG B 161 32.89 24.28 -0.08
N ARG B 161 32.91 24.27 -0.06
CA ARG B 161 32.35 25.62 -0.50
CA ARG B 161 32.35 25.61 -0.42
C ARG B 161 33.48 26.54 -1.02
C ARG B 161 33.44 26.55 -0.97
N ASP B 162 34.62 26.57 -0.34
CA ASP B 162 35.77 27.43 -0.78
C ASP B 162 36.76 26.64 -1.63
N GLY B 163 36.37 25.48 -2.19
CA GLY B 163 37.21 24.72 -3.14
C GLY B 163 37.62 25.60 -4.33
N ARG B 164 38.86 25.50 -4.79
CA ARG B 164 39.39 26.25 -5.97
C ARG B 164 38.48 26.06 -7.20
N LEU B 165 37.90 24.87 -7.40
CA LEU B 165 37.14 24.56 -8.65
C LEU B 165 35.67 24.37 -8.35
N ASN B 166 35.19 24.72 -7.17
CA ASN B 166 33.72 24.77 -6.90
C ASN B 166 33.21 26.17 -7.25
N LEU B 167 32.28 26.27 -8.20
CA LEU B 167 31.78 27.60 -8.69
C LEU B 167 30.48 28.01 -7.98
N ALA B 168 29.90 27.15 -7.13
CA ALA B 168 28.54 27.39 -6.57
C ALA B 168 28.42 28.72 -5.80
N SER B 169 29.42 29.12 -5.01
CA SER B 169 29.29 30.37 -4.21
C SER B 169 29.49 31.62 -5.06
N ARG B 170 30.07 31.49 -6.25
CA ARG B 170 30.40 32.65 -7.13
C ARG B 170 29.33 32.92 -8.19
N LEU B 171 28.57 31.92 -8.61
CA LEU B 171 27.67 32.09 -9.79
C LEU B 171 26.31 32.64 -9.40
N PRO B 172 25.68 33.42 -10.31
CA PRO B 172 24.28 33.83 -10.10
C PRO B 172 23.23 32.71 -10.08
N SER B 173 22.01 33.05 -9.64
CA SER B 173 20.93 32.07 -9.43
C SER B 173 20.46 31.37 -10.71
N TYR B 174 20.72 31.91 -11.91
CA TYR B 174 20.40 31.23 -13.20
C TYR B 174 21.33 30.01 -13.47
N PHE B 175 22.37 29.76 -12.62
CA PHE B 175 23.24 28.54 -12.72
C PHE B 175 22.98 27.62 -11.52
N VAL B 176 22.62 28.14 -10.35
CA VAL B 176 22.66 27.35 -9.08
C VAL B 176 21.87 28.02 -7.97
N ARG B 177 21.23 27.20 -7.12
CA ARG B 177 20.51 27.66 -5.92
C ARG B 177 21.54 28.21 -4.94
N PRO B 178 21.24 29.30 -4.20
CA PRO B 178 22.21 29.82 -3.23
C PRO B 178 22.37 28.96 -1.95
N ASP B 179 23.52 29.13 -1.29
CA ASP B 179 23.81 28.66 0.09
C ASP B 179 23.59 27.14 0.18
N LEU B 180 24.30 26.35 -0.65
CA LEU B 180 24.21 24.87 -0.62
C LEU B 180 24.74 24.36 0.73
N GLY B 181 24.13 23.30 1.28
CA GLY B 181 24.55 22.60 2.51
C GLY B 181 24.15 21.14 2.41
N PRO B 182 24.69 20.27 3.28
CA PRO B 182 24.50 18.83 3.17
C PRO B 182 23.07 18.42 3.50
N LYS B 183 22.67 17.30 2.92
CA LYS B 183 21.33 16.68 3.18
C LYS B 183 21.56 15.21 3.57
N MET B 184 20.75 14.69 4.47
CA MET B 184 20.88 13.32 5.03
C MET B 184 19.78 12.46 4.42
N TYR B 185 20.06 11.22 4.01
CA TYR B 185 19.08 10.27 3.41
C TYR B 185 19.06 9.00 4.24
N ASN B 186 17.96 8.75 4.95
CA ASN B 186 17.90 7.71 6.01
C ASN B 186 16.71 6.79 5.70
N ALA B 187 16.94 5.51 5.42
CA ALA B 187 15.83 4.60 5.01
C ALA B 187 16.20 3.16 5.34
N TYR B 188 15.16 2.34 5.62
CA TYR B 188 15.34 0.90 5.85
C TYR B 188 15.72 0.19 4.54
N GLY B 189 16.23 -1.04 4.65
CA GLY B 189 16.46 -1.94 3.49
C GLY B 189 15.19 -2.53 2.94
N LEU B 190 15.08 -2.67 1.62
CA LEU B 190 14.03 -3.47 0.96
C LEU B 190 14.34 -4.97 1.15
N ILE B 191 13.30 -5.82 1.23
CA ILE B 191 13.41 -7.16 1.89
C ILE B 191 12.90 -8.29 0.98
N THR B 192 11.69 -8.15 0.42
CA THR B 192 10.94 -9.28 -0.22
C THR B 192 11.28 -9.39 -1.71
N ALA B 193 10.85 -10.48 -2.35
CA ALA B 193 10.94 -10.65 -3.81
C ALA B 193 10.12 -9.57 -4.51
N GLU B 194 8.93 -9.22 -4.02
CA GLU B 194 8.12 -8.13 -4.62
C GLU B 194 8.86 -6.77 -4.42
N ASP B 195 9.62 -6.62 -3.35
CA ASP B 195 10.42 -5.38 -3.07
C ASP B 195 11.50 -5.16 -4.15
N ARG B 196 11.87 -6.18 -4.93
CA ARG B 196 12.97 -6.03 -5.92
C ARG B 196 12.63 -4.94 -6.94
N ARG B 197 11.35 -4.74 -7.25
CA ARG B 197 10.86 -3.77 -8.26
C ARG B 197 10.57 -2.38 -7.65
N VAL B 198 10.91 -2.14 -6.40
CA VAL B 198 10.60 -0.88 -5.65
C VAL B 198 11.90 -0.07 -5.54
N GLY B 199 11.82 1.25 -5.66
CA GLY B 199 12.95 2.16 -5.36
C GLY B 199 12.90 2.68 -3.92
N THR B 200 14.05 2.84 -3.28
CA THR B 200 14.20 3.72 -2.11
C THR B 200 14.00 5.18 -2.62
N THR B 201 14.72 5.57 -3.68
CA THR B 201 14.57 6.87 -4.37
C THR B 201 14.27 6.58 -5.84
N ASN B 202 13.13 7.01 -6.36
CA ASN B 202 12.73 6.71 -7.74
C ASN B 202 13.66 7.45 -8.72
N LEU B 203 13.69 7.01 -9.96
CA LEU B 203 14.45 7.63 -11.07
C LEU B 203 14.15 9.14 -11.14
N HIS B 204 15.21 9.96 -11.10
CA HIS B 204 15.08 11.43 -11.14
C HIS B 204 16.41 12.01 -11.65
N LEU B 205 16.45 13.32 -11.90
CA LEU B 205 17.77 14.01 -12.09
C LEU B 205 17.87 15.20 -11.13
N ASP B 206 19.10 15.66 -10.91
CA ASP B 206 19.43 16.86 -10.09
C ASP B 206 20.09 17.91 -10.99
N VAL B 207 19.81 19.20 -10.72
CA VAL B 207 20.25 20.33 -11.58
C VAL B 207 21.68 20.76 -11.25
N SER B 208 22.30 20.22 -10.20
CA SER B 208 23.74 20.49 -9.89
C SER B 208 24.51 19.19 -9.90
N ASP B 209 25.84 19.26 -9.87
CA ASP B 209 26.67 18.09 -9.52
C ASP B 209 26.46 17.73 -8.05
N ALA B 210 26.73 16.48 -7.66
CA ALA B 210 26.64 16.03 -6.25
C ALA B 210 27.60 14.89 -5.93
N VAL B 211 27.92 14.78 -4.65
CA VAL B 211 28.63 13.62 -4.05
C VAL B 211 27.75 13.05 -2.94
N ASN B 212 27.59 11.74 -2.93
CA ASN B 212 26.76 11.00 -1.92
C ASN B 212 27.65 10.02 -1.17
N VAL B 213 27.79 10.21 0.15
CA VAL B 213 28.67 9.36 1.01
C VAL B 213 27.83 8.39 1.87
N MET B 214 28.17 7.11 1.81
CA MET B 214 27.55 6.06 2.68
C MET B 214 28.27 6.09 4.04
N VAL B 215 27.62 6.58 5.11
CA VAL B 215 28.29 6.76 6.44
C VAL B 215 27.95 5.62 7.42
N TYR B 216 26.88 4.87 7.19
CA TYR B 216 26.48 3.74 8.09
C TYR B 216 25.61 2.75 7.31
N VAL B 217 25.85 1.46 7.54
CA VAL B 217 25.05 0.34 6.99
C VAL B 217 24.67 -0.59 8.15
N GLY B 218 23.35 -0.80 8.32
CA GLY B 218 22.79 -1.64 9.42
C GLY B 218 22.18 -2.88 8.83
N ILE B 219 22.76 -4.01 9.17
CA ILE B 219 22.33 -5.37 8.73
C ILE B 219 21.58 -6.02 9.90
N PRO B 220 20.23 -6.21 9.83
CA PRO B 220 19.49 -6.89 10.89
C PRO B 220 19.92 -8.37 11.05
N ILE B 221 19.88 -8.93 12.28
CA ILE B 221 19.90 -10.42 12.54
C ILE B 221 18.55 -10.83 13.17
N ALA B 225 20.61 -14.55 8.74
CA ALA B 225 21.05 -13.94 7.47
C ALA B 225 20.00 -14.20 6.38
N HIS B 226 19.23 -13.16 6.01
CA HIS B 226 18.35 -13.14 4.81
C HIS B 226 19.14 -12.48 3.65
N ASP B 227 20.43 -12.82 3.55
CA ASP B 227 21.33 -12.47 2.41
C ASP B 227 20.82 -13.13 1.12
N GLU B 228 19.80 -13.99 1.21
CA GLU B 228 19.26 -14.79 0.08
C GLU B 228 18.81 -13.85 -1.03
N GLU B 229 17.78 -13.05 -0.73
CA GLU B 229 17.13 -12.11 -1.66
C GLU B 229 18.11 -10.99 -2.04
N VAL B 230 18.98 -10.58 -1.12
CA VAL B 230 20.03 -9.56 -1.40
C VAL B 230 20.95 -10.08 -2.52
N LEU B 231 21.50 -11.30 -2.42
CA LEU B 231 22.41 -11.87 -3.49
C LEU B 231 21.68 -11.96 -4.84
N LYS B 232 20.40 -12.29 -4.86
CA LYS B 232 19.61 -12.37 -6.12
C LYS B 232 19.40 -10.96 -6.68
N THR B 233 19.16 -9.96 -5.82
CA THR B 233 18.85 -8.56 -6.24
C THR B 233 20.10 -7.93 -6.89
N ILE B 234 21.29 -8.27 -6.39
CA ILE B 234 22.63 -7.81 -6.92
C ILE B 234 22.80 -8.35 -8.35
N ASP B 235 22.52 -9.64 -8.51
CA ASP B 235 22.77 -10.38 -9.76
C ASP B 235 21.86 -9.83 -10.90
N GLU B 236 20.56 -9.90 -10.66
CA GLU B 236 19.48 -9.39 -11.55
C GLU B 236 19.69 -7.88 -11.80
N GLY B 237 20.18 -7.16 -10.78
CA GLY B 237 20.56 -5.72 -10.84
C GLY B 237 21.65 -5.47 -11.86
N ASP B 238 22.41 -6.51 -12.27
CA ASP B 238 23.42 -6.46 -13.37
C ASP B 238 24.74 -5.90 -12.86
N ALA B 239 25.06 -6.05 -11.57
CA ALA B 239 26.38 -5.78 -11.00
C ALA B 239 27.44 -6.64 -11.73
N ASP B 240 28.71 -6.20 -11.74
CA ASP B 240 29.83 -6.91 -12.42
C ASP B 240 30.33 -8.03 -11.52
N GLU B 241 31.19 -8.94 -12.02
CA GLU B 241 31.57 -10.18 -11.30
C GLU B 241 32.48 -9.88 -10.11
N VAL B 242 33.35 -8.90 -10.21
CA VAL B 242 34.26 -8.52 -9.09
C VAL B 242 33.40 -8.10 -7.88
N THR B 243 32.32 -7.37 -8.14
CA THR B 243 31.38 -6.86 -7.11
C THR B 243 30.64 -8.05 -6.47
N LYS B 244 30.06 -8.93 -7.29
CA LYS B 244 29.33 -10.14 -6.81
C LYS B 244 30.25 -11.00 -5.92
N GLU B 245 31.45 -11.35 -6.42
CA GLU B 245 32.37 -12.28 -5.74
C GLU B 245 32.91 -11.56 -4.51
N ARG B 246 32.90 -10.24 -4.55
CA ARG B 246 33.42 -9.39 -3.45
C ARG B 246 32.50 -9.44 -2.23
N ILE B 247 31.19 -9.64 -2.40
CA ILE B 247 30.26 -9.65 -1.23
C ILE B 247 30.39 -11.01 -0.50
N HIS B 248 31.53 -11.71 -0.67
CA HIS B 248 32.05 -12.78 0.24
C HIS B 248 33.56 -13.03 0.08
N ASP B 249 34.35 -12.09 -0.48
CA ASP B 249 35.82 -12.20 -0.71
C ASP B 249 36.58 -11.38 0.33
N HIS B 250 35.95 -10.30 0.81
CA HIS B 250 36.09 -9.70 2.16
C HIS B 250 34.78 -10.04 2.91
N LYS B 251 34.47 -9.32 4.00
CA LYS B 251 33.10 -9.21 4.54
C LYS B 251 32.75 -7.71 4.68
N GLU B 252 32.76 -6.97 3.57
CA GLU B 252 32.32 -5.56 3.54
C GLU B 252 30.79 -5.55 3.72
N LYS B 253 30.26 -4.38 3.96
CA LYS B 253 28.83 -4.11 4.18
C LYS B 253 28.26 -3.41 2.96
N PRO B 254 27.59 -4.13 2.03
CA PRO B 254 26.92 -3.49 0.90
C PRO B 254 25.66 -2.73 1.35
N GLY B 255 25.51 -1.47 0.96
CA GLY B 255 24.41 -0.61 1.47
C GLY B 255 23.30 -0.44 0.43
N ALA B 256 23.61 -0.03 -0.80
CA ALA B 256 22.57 0.30 -1.79
C ALA B 256 23.03 -0.03 -3.22
N LEU B 257 22.05 -0.37 -4.04
CA LEU B 257 22.23 -0.64 -5.49
C LEU B 257 21.73 0.59 -6.23
N TRP B 258 22.63 1.23 -6.99
CA TRP B 258 22.29 2.39 -7.85
C TRP B 258 22.18 1.96 -9.31
N HIS B 259 21.35 2.61 -10.09
CA HIS B 259 21.51 2.66 -11.56
C HIS B 259 21.60 4.13 -11.97
N ILE B 260 22.66 4.48 -12.70
CA ILE B 260 22.94 5.87 -13.15
C ILE B 260 23.04 5.85 -14.67
N TYR B 261 22.49 6.85 -15.33
CA TYR B 261 22.49 7.02 -16.82
C TYR B 261 23.16 8.33 -17.18
N ALA B 262 23.82 8.36 -18.35
CA ALA B 262 24.44 9.62 -18.83
C ALA B 262 23.40 10.73 -19.05
N ALA B 263 23.76 11.97 -18.73
CA ALA B 263 22.91 13.16 -18.99
C ALA B 263 22.43 13.19 -20.47
N LYS B 264 23.26 12.78 -21.42
CA LYS B 264 22.87 12.83 -22.87
C LYS B 264 21.79 11.79 -23.22
N ASP B 265 21.53 10.78 -22.38
CA ASP B 265 20.51 9.71 -22.61
C ASP B 265 19.17 10.03 -21.92
N ALA B 266 19.00 11.19 -21.27
CA ALA B 266 17.77 11.49 -20.52
C ALA B 266 16.56 11.47 -21.48
N GLU B 267 16.66 12.05 -22.68
CA GLU B 267 15.47 12.19 -23.58
C GLU B 267 15.05 10.81 -24.08
N LYS B 268 15.98 9.91 -24.38
CA LYS B 268 15.64 8.51 -24.78
C LYS B 268 14.92 7.81 -23.62
N ILE B 269 15.31 8.06 -22.37
CA ILE B 269 14.62 7.43 -21.22
C ILE B 269 13.19 8.00 -21.15
N ARG B 270 13.01 9.31 -21.39
CA ARG B 270 11.66 9.93 -21.36
C ARG B 270 10.78 9.28 -22.45
N GLU B 271 11.33 9.06 -23.63
CA GLU B 271 10.62 8.40 -24.77
C GLU B 271 10.10 7.03 -24.34
N LEU B 272 10.95 6.19 -23.73
CA LEU B 272 10.56 4.83 -23.27
C LEU B 272 9.40 4.95 -22.28
N LEU B 273 9.52 5.83 -21.27
CA LEU B 273 8.55 5.87 -20.15
C LEU B 273 7.24 6.56 -20.58
N ARG B 274 7.26 7.43 -21.60
CA ARG B 274 6.00 7.95 -22.22
C ARG B 274 5.27 6.74 -22.85
N LYS B 275 5.98 5.91 -23.62
CA LYS B 275 5.39 4.71 -24.28
C LYS B 275 4.82 3.79 -23.20
N VAL B 276 5.66 3.33 -22.26
CA VAL B 276 5.26 2.34 -21.22
C VAL B 276 4.08 2.90 -20.42
N GLY B 277 4.08 4.21 -20.14
CA GLY B 277 2.99 4.89 -19.41
C GLY B 277 1.68 4.77 -20.19
N GLU B 278 1.75 4.90 -21.51
CA GLU B 278 0.58 4.84 -22.43
C GLU B 278 0.06 3.41 -22.44
N GLU B 279 0.97 2.42 -22.44
CA GLU B 279 0.64 0.96 -22.40
C GLU B 279 -0.06 0.62 -21.08
N GLN B 280 0.19 1.33 -19.98
CA GLN B 280 -0.32 0.97 -18.64
C GLN B 280 -1.59 1.76 -18.30
N GLY B 281 -2.18 2.48 -19.26
CA GLY B 281 -3.44 3.21 -19.06
C GLY B 281 -3.24 4.71 -19.07
N GLN B 282 -2.24 5.21 -18.32
CA GLN B 282 -1.95 6.66 -18.11
C GLN B 282 -2.33 7.48 -19.35
N GLU B 283 -3.02 8.60 -19.14
CA GLU B 283 -3.32 9.62 -20.18
C GLU B 283 -2.48 10.85 -19.88
N ASN B 284 -1.38 11.03 -20.60
CA ASN B 284 -0.41 12.14 -20.40
C ASN B 284 -0.28 12.90 -21.72
N PRO B 285 -0.03 14.23 -21.68
CA PRO B 285 0.31 14.97 -22.90
C PRO B 285 1.61 14.47 -23.54
N PRO B 286 1.87 14.75 -24.84
CA PRO B 286 3.07 14.25 -25.50
C PRO B 286 4.37 14.86 -24.95
N ASP B 287 4.24 15.97 -24.21
CA ASP B 287 5.31 16.80 -23.59
C ASP B 287 5.70 16.27 -22.20
N HIS B 288 4.82 15.48 -21.60
CA HIS B 288 4.96 14.95 -20.22
C HIS B 288 6.41 14.51 -19.94
N ASP B 289 6.92 14.83 -18.74
CA ASP B 289 8.32 14.51 -18.33
C ASP B 289 8.29 13.50 -17.20
N PRO B 290 8.40 12.19 -17.52
CA PRO B 290 8.37 11.14 -16.50
C PRO B 290 9.60 11.12 -15.55
N ILE B 291 10.71 11.77 -15.94
CA ILE B 291 11.90 11.91 -15.03
C ILE B 291 11.55 12.98 -14.00
N HIS B 292 10.96 14.12 -14.41
CA HIS B 292 10.50 15.19 -13.50
C HIS B 292 9.44 14.64 -12.53
N ASP B 293 8.59 13.71 -12.98
CA ASP B 293 7.51 13.11 -12.13
C ASP B 293 8.06 12.31 -10.96
N GLN B 294 9.27 11.74 -11.07
CA GLN B 294 9.92 10.95 -10.00
C GLN B 294 8.97 9.80 -9.59
N SER B 295 8.22 9.22 -10.55
CA SER B 295 7.17 8.18 -10.28
C SER B 295 7.63 6.77 -10.68
N TRP B 296 8.81 6.61 -11.28
CA TRP B 296 9.25 5.36 -11.95
C TRP B 296 10.47 4.75 -11.23
N TYR B 297 10.48 3.44 -11.11
CA TYR B 297 11.72 2.67 -10.80
C TYR B 297 11.96 1.67 -11.94
N LEU B 298 13.12 1.75 -12.62
CA LEU B 298 13.43 0.83 -13.73
C LEU B 298 13.81 -0.56 -13.19
N ASP B 299 12.89 -1.53 -13.29
CA ASP B 299 13.10 -2.93 -12.85
C ASP B 299 13.84 -3.67 -13.97
N GLN B 300 14.16 -4.95 -13.79
CA GLN B 300 14.97 -5.68 -14.81
C GLN B 300 14.30 -5.61 -16.18
N THR B 301 12.98 -5.76 -16.26
CA THR B 301 12.25 -5.77 -17.56
C THR B 301 12.45 -4.42 -18.26
N LEU B 302 12.30 -3.33 -17.52
CA LEU B 302 12.41 -1.97 -18.12
C LEU B 302 13.87 -1.69 -18.50
N ARG B 303 14.86 -2.05 -17.68
CA ARG B 303 16.30 -1.82 -18.01
C ARG B 303 16.66 -2.58 -19.30
N LYS B 304 16.18 -3.82 -19.46
CA LYS B 304 16.54 -4.64 -20.66
C LYS B 304 15.95 -3.99 -21.92
N ARG B 305 14.70 -3.57 -21.86
CA ARG B 305 13.95 -2.88 -22.92
C ARG B 305 14.62 -1.55 -23.28
N LEU B 306 15.08 -0.77 -22.28
CA LEU B 306 15.83 0.51 -22.54
C LEU B 306 17.04 0.20 -23.41
N TYR B 307 17.83 -0.80 -23.05
CA TYR B 307 19.04 -1.18 -23.83
C TYR B 307 18.68 -1.61 -25.27
N GLU B 308 17.77 -2.59 -25.36
N GLU B 308 17.74 -2.56 -25.40
CA GLU B 308 17.29 -3.23 -26.62
CA GLU B 308 17.41 -3.20 -26.71
C GLU B 308 16.77 -2.16 -27.58
C GLU B 308 16.74 -2.18 -27.63
N GLU B 309 15.75 -1.42 -27.14
CA GLU B 309 15.00 -0.46 -28.02
C GLU B 309 15.81 0.81 -28.25
N TYR B 310 16.59 1.33 -27.28
CA TYR B 310 17.16 2.69 -27.42
C TYR B 310 18.69 2.68 -27.41
N GLY B 311 19.34 1.55 -27.14
CA GLY B 311 20.82 1.47 -27.11
C GLY B 311 21.40 2.04 -25.81
N VAL B 312 20.59 2.25 -24.77
CA VAL B 312 21.06 2.94 -23.52
C VAL B 312 21.38 1.89 -22.45
N GLN B 313 22.62 1.90 -21.97
CA GLN B 313 23.20 0.89 -21.04
C GLN B 313 23.12 1.38 -19.58
N GLY B 314 23.81 2.44 -19.20
CA GLY B 314 23.84 2.85 -17.76
C GLY B 314 24.76 2.02 -16.87
N TRP B 315 25.04 2.52 -15.65
CA TRP B 315 26.02 1.95 -14.70
C TRP B 315 25.27 1.35 -13.51
N ALA B 316 25.48 0.07 -13.19
CA ALA B 316 24.91 -0.59 -11.98
C ALA B 316 26.01 -0.61 -10.92
N ILE B 317 25.81 0.14 -9.86
CA ILE B 317 26.84 0.39 -8.80
C ILE B 317 26.32 -0.08 -7.45
N VAL B 318 27.10 -0.89 -6.77
CA VAL B 318 26.89 -1.20 -5.34
C VAL B 318 27.75 -0.28 -4.48
N GLN B 319 27.07 0.54 -3.65
CA GLN B 319 27.69 1.50 -2.73
C GLN B 319 27.84 0.77 -1.39
N PHE B 320 29.08 0.52 -0.98
CA PHE B 320 29.40 -0.09 0.33
C PHE B 320 29.60 1.01 1.37
N LEU B 321 29.72 0.63 2.65
CA LEU B 321 30.10 1.57 3.73
C LEU B 321 31.38 2.32 3.36
N GLY B 322 31.33 3.65 3.39
CA GLY B 322 32.48 4.54 3.13
C GLY B 322 32.63 4.93 1.65
N ASP B 323 31.81 4.41 0.75
CA ASP B 323 31.87 4.71 -0.71
C ASP B 323 31.19 6.09 -0.94
N ALA B 324 31.88 6.99 -1.65
CA ALA B 324 31.35 8.26 -2.16
C ALA B 324 31.08 8.13 -3.65
N VAL B 325 29.82 8.33 -4.08
CA VAL B 325 29.39 8.29 -5.48
C VAL B 325 29.23 9.72 -5.98
N PHE B 326 30.00 10.03 -7.04
CA PHE B 326 29.93 11.34 -7.73
C PHE B 326 28.96 11.26 -8.88
N ILE B 327 27.94 12.14 -8.88
CA ILE B 327 26.79 12.11 -9.84
C ILE B 327 26.82 13.38 -10.70
N PRO B 328 27.09 13.31 -12.03
CA PRO B 328 27.05 14.50 -12.90
C PRO B 328 25.67 15.16 -12.91
N ALA B 329 25.65 16.49 -12.93
CA ALA B 329 24.41 17.29 -13.13
C ALA B 329 23.64 16.70 -14.35
N GLY B 330 22.37 16.39 -14.16
CA GLY B 330 21.49 15.97 -15.26
C GLY B 330 21.55 14.47 -15.54
N ALA B 331 22.43 13.69 -14.87
CA ALA B 331 22.51 12.22 -15.06
C ALA B 331 21.29 11.62 -14.34
N PRO B 332 20.31 11.01 -15.02
CA PRO B 332 19.21 10.34 -14.31
C PRO B 332 19.70 9.15 -13.45
N HIS B 333 19.10 8.98 -12.26
CA HIS B 333 19.54 7.92 -11.34
C HIS B 333 18.41 7.50 -10.38
N GLN B 334 18.56 6.28 -9.89
CA GLN B 334 17.63 5.62 -8.95
C GLN B 334 18.44 4.88 -7.91
N VAL B 335 17.88 4.69 -6.71
CA VAL B 335 18.57 4.01 -5.58
C VAL B 335 17.65 2.96 -4.95
N HIS B 336 18.20 1.78 -4.65
CA HIS B 336 17.49 0.63 -3.99
C HIS B 336 18.31 0.16 -2.82
N ASN B 337 17.87 0.48 -1.58
CA ASN B 337 18.60 0.06 -0.37
C ASN B 337 18.52 -1.48 -0.22
N LEU B 338 19.69 -2.10 -0.07
CA LEU B 338 19.87 -3.55 0.23
C LEU B 338 19.72 -3.80 1.71
N TYR B 339 20.28 -2.94 2.56
CA TYR B 339 20.20 -2.98 4.03
C TYR B 339 19.80 -1.56 4.47
N SER B 340 19.54 -1.34 5.75
CA SER B 340 19.25 0.01 6.28
C SER B 340 20.50 0.89 6.09
N CYS B 341 20.33 2.10 5.56
CA CYS B 341 21.47 3.00 5.21
C CYS B 341 21.29 4.41 5.76
N ILE B 342 22.40 5.02 6.21
CA ILE B 342 22.54 6.48 6.43
C ILE B 342 23.50 7.02 5.36
N LYS B 343 23.00 7.92 4.51
CA LYS B 343 23.83 8.58 3.44
C LYS B 343 23.82 10.09 3.70
N VAL B 344 24.93 10.80 3.37
CA VAL B 344 24.93 12.26 3.39
C VAL B 344 25.44 12.75 2.04
N ALA B 345 24.72 13.70 1.44
CA ALA B 345 25.04 14.23 0.08
C ALA B 345 25.29 15.75 0.10
N GLU B 346 26.28 16.22 -0.71
CA GLU B 346 26.54 17.69 -0.88
C GLU B 346 26.49 18.03 -2.37
N ASP B 347 25.74 19.06 -2.75
CA ASP B 347 25.72 19.61 -4.13
C ASP B 347 26.91 20.55 -4.35
N PHE B 348 27.39 20.64 -5.60
CA PHE B 348 28.49 21.55 -6.00
C PHE B 348 28.31 21.88 -7.48
N VAL B 349 29.15 22.78 -8.02
CA VAL B 349 29.12 23.13 -9.47
C VAL B 349 30.53 23.10 -10.03
N SER B 350 30.86 22.08 -10.85
CA SER B 350 32.19 21.99 -11.52
C SER B 350 32.21 22.80 -12.82
N PRO B 351 33.38 23.35 -13.19
CA PRO B 351 33.51 24.05 -14.47
C PRO B 351 33.15 23.16 -15.68
N GLU B 352 33.44 21.88 -15.60
CA GLU B 352 33.22 20.86 -16.66
C GLU B 352 31.73 20.84 -17.01
N HIS B 353 30.83 21.06 -16.03
CA HIS B 353 29.39 20.88 -16.23
C HIS B 353 28.60 22.20 -16.07
N VAL B 354 29.23 23.38 -16.13
CA VAL B 354 28.54 24.67 -15.86
C VAL B 354 27.47 24.97 -16.93
N LYS B 355 27.70 24.59 -18.18
CA LYS B 355 26.72 24.85 -19.27
C LYS B 355 25.46 24.00 -18.98
N HIS B 356 25.66 22.74 -18.62
CA HIS B 356 24.55 21.81 -18.26
C HIS B 356 23.75 22.42 -17.11
N CYS B 357 24.44 22.88 -16.06
CA CYS B 357 23.80 23.48 -14.87
C CYS B 357 22.84 24.64 -15.26
N PHE B 358 23.27 25.51 -16.18
CA PHE B 358 22.41 26.64 -16.68
C PHE B 358 21.16 26.07 -17.36
N ARG B 359 21.34 25.12 -18.25
CA ARG B 359 20.21 24.56 -19.05
C ARG B 359 19.25 23.82 -18.12
N LEU B 360 19.77 23.05 -17.18
CA LEU B 360 18.90 22.29 -16.25
C LEU B 360 18.13 23.25 -15.34
N THR B 361 18.73 24.36 -14.89
CA THR B 361 18.07 25.34 -14.02
C THR B 361 16.89 25.97 -14.83
N GLN B 362 17.16 26.32 -16.07
CA GLN B 362 16.13 26.90 -16.98
C GLN B 362 14.94 25.92 -17.07
N GLU B 363 15.22 24.64 -17.32
CA GLU B 363 14.18 23.61 -17.54
C GLU B 363 13.41 23.40 -16.25
N PHE B 364 14.07 23.38 -15.07
CA PHE B 364 13.40 23.23 -13.75
C PHE B 364 12.40 24.38 -13.57
N ARG B 365 12.81 25.62 -13.82
CA ARG B 365 11.95 26.82 -13.72
C ARG B 365 10.73 26.65 -14.66
N HIS B 366 10.95 26.17 -15.89
CA HIS B 366 9.86 26.00 -16.90
C HIS B 366 8.85 24.93 -16.42
N LEU B 367 9.34 23.83 -15.87
CA LEU B 367 8.49 22.71 -15.39
C LEU B 367 7.77 23.13 -14.11
N SER B 368 8.28 24.12 -13.39
CA SER B 368 7.72 24.63 -12.11
C SER B 368 6.31 25.18 -12.33
N ASN B 369 6.14 26.05 -13.33
CA ASN B 369 4.87 26.76 -13.63
C ASN B 369 4.32 26.26 -14.98
C12 A6Z C . -42.88 -8.31 0.75
C11 A6Z C . -43.44 -9.55 0.24
C10 A6Z C . -40.93 -12.13 -1.22
C9 A6Z C . -42.23 -11.28 -1.18
C8 A6Z C . -42.49 -11.68 1.23
C7 A6Z C . -41.23 -12.58 1.24
C4 A6Z C . -39.29 -14.75 0.95
C5 A6Z C . -38.34 -15.76 0.81
C6 A6Z C . -37.91 -16.25 -0.41
C3 A6Z C . -39.91 -14.21 -0.20
C2 A6Z C . -39.50 -14.72 -1.48
C1 A6Z C . -38.51 -15.72 -1.56
CL1 A6Z C . -37.77 -16.44 2.27
N1 A6Z C . -40.98 -13.18 -0.13
N2 A6Z C . -42.30 -10.59 0.18
N3 A6Z C . -42.42 -7.35 1.21
CL CL D . -25.51 4.93 20.38
CL CL E . -28.26 11.48 -4.52
CL CL F . -14.02 -11.05 -2.86
CL CL G . -11.45 -7.84 20.11
MN MN H . -15.49 -6.63 5.20
CL CL I . 26.20 17.32 16.14
MN MN J . 19.58 12.54 -6.79
#